data_7L1H
#
_entry.id   7L1H
#
_cell.length_a   183.970
_cell.length_b   59.730
_cell.length_c   67.420
_cell.angle_alpha   90.000
_cell.angle_beta   94.700
_cell.angle_gamma   90.000
#
_symmetry.space_group_name_H-M   'C 1 2 1'
#
loop_
_entity.id
_entity.type
_entity.pdbx_description
1 polymer 'Tryptophan synthase alpha chain'
2 polymer 'Tryptophan synthase beta chain'
3 non-polymer 1,2-ETHANEDIOL
4 non-polymer '2-({[4-(TRIFLUOROMETHOXY)PHENYL]SULFONYL}AMINO)ETHYL DIHYDROGEN PHOSPHATE'
5 non-polymer DI(HYDROXYETHYL)ETHER
6 non-polymer 'CHLORIDE ION'
7 non-polymer '2-{[(E)-{3-hydroxy-2-methyl-5-[(phosphonooxy)methyl]pyridin-4-yl}methylidene]amino}prop-2-enoic acid'
8 non-polymer BICINE
9 non-polymer 'CESIUM ION'
10 water water
#
loop_
_entity_poly.entity_id
_entity_poly.type
_entity_poly.pdbx_seq_one_letter_code
_entity_poly.pdbx_strand_id
1 'polypeptide(L)'
;MERYENLFAQLNDRREGAFVPFVTLGDPGIEQSLKIIDTLIDAGADALELGVPFSDPLADGPTIQNANLRAFAAGVTPAQ
CFEMLALIREKHPTIPIGLLMYANLVFNNGIDAFYARCEQVGVDSVLVADVPVEESAPFRQAALRHNIAPIFICPPNADD
DLLRQVASYGRGYTYLLSRSGVTGAENRGALPLHHLIEKLKEYHAAPALQGFGISSPEQVSAAVRAGAAGAISGSAIVKI
IEKNLASPKQMLAELRSFVSAMKAASRA
;
A
2 'polypeptide(L)'
;MTTLLNPYFGEFGGMYVPQILMPALNQLEEAFVSAQKDPEFQAQFADLLKNYAGRPTALTKCQNITAGTRTTLYLKREDL
LHGGAHKTNQVLGQALLAKRMGKSEIIAETGAGQHGVASALASALLGLKCRIYMGAKDVERQSPNVFRMRLMGAEVIPVH
SGSATLKDACNEALRDWSGSYETAHYMLGTAAGPHPYPTIVREFQRMIGEETKAQILDKEGRLPDAVIACVGGGSNAIGM
FADFINDTSVGLIGVEPGGHGIETGEHGAPLKHGRVGIYFGMKAPMMQTADGQIEESYSISAGLDFPSVGPQHAYLNSIG
RADYVSITDDEALEAFKTLCRHEGIIPALESSHALAHALKMMREQPEKEQLLVVNLSGRGDKDIFTVHDILKARGEI
;
B
#
loop_
_chem_comp.id
_chem_comp.type
_chem_comp.name
_chem_comp.formula
0JO non-polymer '2-{[(E)-{3-hydroxy-2-methyl-5-[(phosphonooxy)methyl]pyridin-4-yl}methylidene]amino}prop-2-enoic acid' 'C11 H13 N2 O7 P'
BCN non-polymer BICINE 'C6 H13 N O4'
CL non-polymer 'CHLORIDE ION' 'Cl -1'
CS non-polymer 'CESIUM ION' 'Cs 1'
EDO non-polymer 1,2-ETHANEDIOL 'C2 H6 O2'
F9F non-polymer '2-({[4-(TRIFLUOROMETHOXY)PHENYL]SULFONYL}AMINO)ETHYL DIHYDROGEN PHOSPHATE' 'C9 H11 F3 N O7 P S'
PEG non-polymer DI(HYDROXYETHYL)ETHER 'C4 H10 O3'
#
# COMPACT_ATOMS: atom_id res chain seq x y z
N MET A 1 33.13 7.49 6.95
CA MET A 1 33.44 8.19 8.24
C MET A 1 32.92 7.35 9.41
N GLU A 2 33.21 7.81 10.63
CA GLU A 2 32.89 7.07 11.85
C GLU A 2 32.06 7.94 12.79
N ARG A 3 31.13 8.73 12.25
CA ARG A 3 30.53 9.78 13.08
C ARG A 3 29.71 9.21 14.23
N TYR A 4 28.95 8.12 13.99
CA TYR A 4 28.17 7.55 15.09
C TYR A 4 29.08 6.88 16.12
N GLU A 5 30.08 6.14 15.63
CA GLU A 5 31.02 5.46 16.49
C GLU A 5 31.71 6.47 17.40
N ASN A 6 32.12 7.61 16.82
CA ASN A 6 32.80 8.63 17.58
C ASN A 6 31.84 9.24 18.61
N LEU A 7 30.61 9.53 18.20
CA LEU A 7 29.62 10.12 19.11
C LEU A 7 29.40 9.18 20.30
N PHE A 8 29.19 7.89 20.02
CA PHE A 8 28.79 6.99 21.09
C PHE A 8 29.96 6.78 22.06
N ALA A 9 31.19 6.76 21.53
CA ALA A 9 32.39 6.69 22.36
C ALA A 9 32.47 7.91 23.28
N GLN A 10 32.21 9.10 22.73
CA GLN A 10 32.25 10.33 23.51
C GLN A 10 31.15 10.33 24.57
N LEU A 11 29.95 9.89 24.20
CA LEU A 11 28.83 9.86 25.13
C LEU A 11 29.09 8.88 26.27
N ASN A 12 29.67 7.72 25.92
CA ASN A 12 30.02 6.69 26.90
C ASN A 12 31.02 7.26 27.91
N ASP A 13 32.05 7.96 27.41
CA ASP A 13 33.08 8.55 28.26
CA ASP A 13 33.08 8.54 28.27
C ASP A 13 32.45 9.52 29.24
N ARG A 14 31.36 10.17 28.83
CA ARG A 14 30.69 11.15 29.67
C ARG A 14 29.53 10.51 30.44
N ARG A 15 29.36 9.18 30.27
CA ARG A 15 28.30 8.41 30.92
C ARG A 15 26.94 9.05 30.61
N GLU A 16 26.68 9.25 29.32
CA GLU A 16 25.57 10.06 28.86
C GLU A 16 24.86 9.29 27.74
N GLY A 17 23.54 9.53 27.60
CA GLY A 17 22.81 9.09 26.42
C GLY A 17 22.68 10.17 25.35
N ALA A 18 22.24 9.76 24.16
CA ALA A 18 22.00 10.66 23.03
C ALA A 18 20.55 11.15 23.02
N PHE A 19 20.37 12.43 22.65
CA PHE A 19 19.07 12.93 22.25
C PHE A 19 19.11 13.33 20.77
N VAL A 20 18.20 12.72 19.97
CA VAL A 20 18.23 12.86 18.52
C VAL A 20 16.86 13.34 18.06
N PRO A 21 16.70 14.63 17.70
CA PRO A 21 15.44 15.09 17.13
C PRO A 21 15.28 14.65 15.68
N PHE A 22 14.01 14.46 15.28
CA PHE A 22 13.62 14.32 13.88
C PHE A 22 12.87 15.57 13.43
N VAL A 23 13.22 16.06 12.22
CA VAL A 23 12.38 16.99 11.49
C VAL A 23 12.34 16.57 10.02
N THR A 24 11.34 17.11 9.31
CA THR A 24 11.23 17.01 7.87
C THR A 24 12.07 18.11 7.24
N LEU A 25 12.98 17.72 6.34
CA LEU A 25 13.74 18.71 5.59
C LEU A 25 12.82 19.61 4.77
N GLY A 26 12.98 20.93 4.95
CA GLY A 26 12.23 21.91 4.17
C GLY A 26 10.88 22.25 4.77
N ASP A 27 10.59 21.80 6.00
CA ASP A 27 9.36 22.16 6.68
C ASP A 27 9.67 23.30 7.64
N PRO A 28 9.05 24.52 7.58
CA PRO A 28 8.02 24.87 6.60
C PRO A 28 8.49 25.52 5.30
N GLY A 29 9.80 25.76 5.19
CA GLY A 29 10.44 26.11 3.93
C GLY A 29 11.93 25.84 4.09
N ILE A 30 12.70 26.02 3.01
CA ILE A 30 14.12 25.68 3.04
C ILE A 30 14.87 26.54 4.07
N GLU A 31 14.67 27.87 3.99
N GLU A 31 14.69 27.87 4.00
CA GLU A 31 15.41 28.80 4.83
CA GLU A 31 15.47 28.75 4.86
C GLU A 31 15.09 28.54 6.30
C GLU A 31 15.10 28.54 6.34
N GLN A 32 13.80 28.46 6.64
CA GLN A 32 13.35 28.29 8.02
C GLN A 32 13.79 26.93 8.55
N SER A 33 13.76 25.91 7.68
CA SER A 33 14.17 24.57 8.06
C SER A 33 15.65 24.54 8.45
N LEU A 34 16.49 25.24 7.66
CA LEU A 34 17.90 25.34 8.00
C LEU A 34 18.08 26.01 9.35
N LYS A 35 17.31 27.08 9.63
CA LYS A 35 17.43 27.75 10.91
C LYS A 35 16.97 26.83 12.05
N ILE A 36 15.88 26.08 11.82
CA ILE A 36 15.35 25.11 12.78
C ILE A 36 16.46 24.12 13.13
N ILE A 37 17.12 23.56 12.11
CA ILE A 37 18.14 22.55 12.33
C ILE A 37 19.33 23.14 13.11
N ASP A 38 19.74 24.37 12.78
CA ASP A 38 20.84 24.98 13.53
C ASP A 38 20.43 25.19 14.99
N THR A 39 19.15 25.53 15.22
CA THR A 39 18.65 25.69 16.58
C THR A 39 18.68 24.36 17.33
N LEU A 40 18.28 23.28 16.67
CA LEU A 40 18.28 21.97 17.34
C LEU A 40 19.70 21.64 17.81
N ILE A 41 20.68 21.88 16.94
CA ILE A 41 22.08 21.59 17.24
C ILE A 41 22.59 22.49 18.37
N ASP A 42 22.31 23.79 18.25
CA ASP A 42 22.78 24.71 19.27
C ASP A 42 22.19 24.36 20.64
N ALA A 43 20.98 23.80 20.66
CA ALA A 43 20.27 23.53 21.91
C ALA A 43 20.70 22.18 22.51
N GLY A 44 21.49 21.41 21.77
CA GLY A 44 22.10 20.22 22.37
C GLY A 44 21.84 18.90 21.66
N ALA A 45 21.22 18.93 20.47
CA ALA A 45 21.00 17.66 19.77
C ALA A 45 22.35 16.96 19.56
N ASP A 46 22.40 15.64 19.80
CA ASP A 46 23.64 14.89 19.63
C ASP A 46 23.81 14.37 18.22
N ALA A 47 22.67 14.16 17.55
CA ALA A 47 22.61 13.69 16.17
C ALA A 47 21.28 14.15 15.60
N LEU A 48 21.09 13.96 14.29
CA LEU A 48 19.85 14.36 13.66
C LEU A 48 19.27 13.18 12.89
N GLU A 49 17.92 13.13 12.86
CA GLU A 49 17.19 12.27 11.95
C GLU A 49 16.36 13.18 11.07
N LEU A 50 16.56 13.12 9.75
CA LEU A 50 15.97 14.11 8.86
C LEU A 50 15.18 13.41 7.77
N GLY A 51 13.91 13.83 7.64
CA GLY A 51 13.00 13.24 6.66
C GLY A 51 13.11 13.91 5.29
N VAL A 52 13.16 13.09 4.23
CA VAL A 52 12.99 13.64 2.89
C VAL A 52 11.51 13.58 2.53
N PRO A 53 10.85 14.71 2.17
CA PRO A 53 9.40 14.67 1.95
C PRO A 53 9.04 13.60 0.92
N PHE A 54 8.02 12.81 1.26
CA PHE A 54 7.54 11.74 0.40
C PHE A 54 6.01 11.81 0.36
N SER A 55 5.45 11.46 -0.79
CA SER A 55 4.02 11.58 -1.07
C SER A 55 3.14 10.72 -0.16
N ASP A 56 3.62 9.53 0.21
CA ASP A 56 2.77 8.57 0.90
C ASP A 56 3.55 7.92 2.05
N PRO A 57 3.84 8.66 3.14
CA PRO A 57 4.67 8.14 4.24
C PRO A 57 3.91 7.20 5.19
N LEU A 58 3.99 5.89 4.92
CA LEU A 58 3.02 5.00 5.55
CA LEU A 58 3.10 4.90 5.50
C LEU A 58 3.44 4.58 6.97
N ALA A 59 4.61 5.05 7.45
CA ALA A 59 4.94 4.77 8.85
C ALA A 59 4.74 6.02 9.70
N ASP A 60 4.19 7.07 9.12
CA ASP A 60 4.00 8.32 9.85
C ASP A 60 2.52 8.63 10.11
N GLY A 61 2.26 9.15 11.33
CA GLY A 61 0.94 9.64 11.71
C GLY A 61 0.73 11.09 11.23
N PRO A 62 -0.44 11.68 11.54
CA PRO A 62 -0.82 12.99 11.02
C PRO A 62 0.22 14.11 11.22
N THR A 63 0.91 14.13 12.36
CA THR A 63 1.79 15.27 12.61
C THR A 63 2.88 15.37 11.53
N ILE A 64 3.53 14.24 11.29
CA ILE A 64 4.62 14.20 10.31
C ILE A 64 4.07 14.14 8.89
N GLN A 65 2.88 13.53 8.70
CA GLN A 65 2.21 13.66 7.41
C GLN A 65 2.10 15.14 7.06
N ASN A 66 1.74 15.94 8.06
CA ASN A 66 1.51 17.36 7.81
C ASN A 66 2.82 18.11 7.56
N ALA A 67 3.91 17.67 8.19
CA ALA A 67 5.23 18.20 7.91
C ALA A 67 5.63 17.97 6.46
N ASN A 68 5.42 16.74 5.97
CA ASN A 68 5.69 16.43 4.57
C ASN A 68 4.89 17.37 3.68
N LEU A 69 3.59 17.56 3.98
CA LEU A 69 2.74 18.40 3.15
C LEU A 69 3.22 19.84 3.14
N ARG A 70 3.66 20.35 4.28
CA ARG A 70 4.14 21.73 4.29
C ARG A 70 5.39 21.89 3.42
N ALA A 71 6.28 20.88 3.47
CA ALA A 71 7.48 20.95 2.65
C ALA A 71 7.11 20.95 1.17
N PHE A 72 6.15 20.08 0.79
CA PHE A 72 5.70 20.02 -0.60
C PHE A 72 5.07 21.35 -1.03
N ALA A 73 4.31 21.97 -0.13
CA ALA A 73 3.71 23.26 -0.42
C ALA A 73 4.78 24.32 -0.67
N ALA A 74 5.97 24.14 -0.07
CA ALA A 74 7.12 25.02 -0.29
C ALA A 74 7.96 24.56 -1.50
N GLY A 75 7.50 23.50 -2.19
CA GLY A 75 8.11 23.03 -3.42
C GLY A 75 9.39 22.24 -3.19
N VAL A 76 9.53 21.64 -2.00
CA VAL A 76 10.74 20.88 -1.63
C VAL A 76 10.79 19.55 -2.36
N THR A 77 11.95 19.26 -2.98
CA THR A 77 12.19 18.04 -3.73
C THR A 77 13.39 17.34 -3.09
N PRO A 78 13.63 16.04 -3.38
CA PRO A 78 14.83 15.38 -2.86
C PRO A 78 16.11 16.11 -3.26
N ALA A 79 16.17 16.68 -4.46
CA ALA A 79 17.37 17.39 -4.91
C ALA A 79 17.65 18.56 -3.97
N GLN A 80 16.57 19.28 -3.58
CA GLN A 80 16.74 20.41 -2.69
C GLN A 80 17.16 19.91 -1.30
N CYS A 81 16.69 18.72 -0.91
CA CYS A 81 17.08 18.14 0.36
C CYS A 81 18.58 17.87 0.39
N PHE A 82 19.13 17.36 -0.72
CA PHE A 82 20.56 17.09 -0.80
C PHE A 82 21.38 18.37 -0.75
N GLU A 83 20.87 19.45 -1.38
CA GLU A 83 21.50 20.76 -1.26
C GLU A 83 21.53 21.22 0.21
N MET A 84 20.41 21.02 0.92
N MET A 84 20.40 21.01 0.90
CA MET A 84 20.35 21.39 2.33
CA MET A 84 20.27 21.35 2.31
C MET A 84 21.36 20.57 3.13
C MET A 84 21.29 20.58 3.13
N LEU A 85 21.44 19.28 2.83
CA LEU A 85 22.29 18.40 3.61
C LEU A 85 23.76 18.84 3.48
N ALA A 86 24.14 19.28 2.27
CA ALA A 86 25.50 19.70 2.01
C ALA A 86 25.79 20.94 2.86
N LEU A 87 24.79 21.83 2.99
CA LEU A 87 24.96 23.06 3.75
C LEU A 87 25.05 22.73 5.24
N ILE A 88 24.24 21.78 5.72
CA ILE A 88 24.25 21.39 7.12
C ILE A 88 25.63 20.80 7.49
N ARG A 89 26.08 19.82 6.71
CA ARG A 89 27.38 19.21 6.93
C ARG A 89 28.52 20.24 6.91
N GLU A 90 28.48 21.21 5.99
CA GLU A 90 29.55 22.17 5.83
C GLU A 90 29.67 23.01 7.12
N LYS A 91 28.55 23.18 7.85
CA LYS A 91 28.53 23.97 9.08
C LYS A 91 28.92 23.13 10.30
N HIS A 92 28.58 21.83 10.25
CA HIS A 92 28.58 20.96 11.42
C HIS A 92 29.31 19.67 11.05
N PRO A 93 30.66 19.64 11.15
CA PRO A 93 31.42 18.53 10.58
C PRO A 93 31.32 17.18 11.29
N THR A 94 30.92 17.17 12.56
CA THR A 94 31.02 15.91 13.30
C THR A 94 29.65 15.31 13.66
N ILE A 95 28.58 16.12 13.64
CA ILE A 95 27.29 15.61 14.10
C ILE A 95 26.81 14.48 13.19
N PRO A 96 26.42 13.30 13.71
CA PRO A 96 25.86 12.25 12.85
C PRO A 96 24.53 12.70 12.28
N ILE A 97 24.36 12.49 10.96
CA ILE A 97 23.14 12.81 10.25
C ILE A 97 22.57 11.52 9.66
N GLY A 98 21.32 11.21 10.03
CA GLY A 98 20.64 10.04 9.48
C GLY A 98 19.42 10.51 8.71
N LEU A 99 19.18 9.88 7.56
CA LEU A 99 17.98 10.19 6.77
C LEU A 99 16.90 9.15 7.03
N LEU A 100 15.66 9.65 7.11
CA LEU A 100 14.49 8.78 7.12
C LEU A 100 13.91 8.79 5.70
N MET A 101 13.98 7.61 5.06
CA MET A 101 13.60 7.48 3.66
C MET A 101 12.47 6.46 3.53
N TYR A 102 11.63 6.66 2.50
CA TYR A 102 10.78 5.60 2.01
C TYR A 102 11.40 4.96 0.79
N ALA A 103 11.14 3.65 0.61
CA ALA A 103 11.84 2.85 -0.37
C ALA A 103 11.80 3.45 -1.77
N ASN A 104 10.65 3.96 -2.21
CA ASN A 104 10.57 4.39 -3.59
C ASN A 104 11.58 5.49 -3.89
N LEU A 105 11.86 6.36 -2.91
CA LEU A 105 12.77 7.48 -3.14
C LEU A 105 14.21 7.02 -3.30
N VAL A 106 14.54 5.86 -2.71
CA VAL A 106 15.88 5.30 -2.76
C VAL A 106 16.01 4.48 -4.04
N PHE A 107 14.94 3.75 -4.34
CA PHE A 107 14.94 2.81 -5.46
C PHE A 107 14.81 3.54 -6.79
N ASN A 108 14.16 4.71 -6.78
CA ASN A 108 13.73 5.50 -7.93
C ASN A 108 14.74 5.51 -9.07
N ASN A 109 15.86 6.20 -8.88
CA ASN A 109 16.69 6.30 -10.06
C ASN A 109 17.94 5.46 -9.85
N GLY A 110 17.79 4.37 -9.06
CA GLY A 110 18.90 3.48 -8.79
C GLY A 110 19.36 3.56 -7.34
N ILE A 111 19.40 2.40 -6.68
CA ILE A 111 19.75 2.33 -5.25
C ILE A 111 21.20 2.79 -5.06
N ASP A 112 22.11 2.27 -5.88
CA ASP A 112 23.51 2.62 -5.73
C ASP A 112 23.70 4.14 -5.81
N ALA A 113 23.07 4.77 -6.82
CA ALA A 113 23.23 6.21 -7.02
C ALA A 113 22.70 6.99 -5.83
N PHE A 114 21.62 6.51 -5.19
CA PHE A 114 21.07 7.18 -4.02
C PHE A 114 22.13 7.23 -2.90
N TYR A 115 22.70 6.07 -2.58
CA TYR A 115 23.68 6.00 -1.50
C TYR A 115 24.93 6.79 -1.87
N ALA A 116 25.28 6.83 -3.16
CA ALA A 116 26.45 7.59 -3.57
C ALA A 116 26.22 9.07 -3.32
N ARG A 117 24.99 9.56 -3.56
CA ARG A 117 24.63 10.95 -3.29
C ARG A 117 24.73 11.24 -1.80
N CYS A 118 24.28 10.29 -0.97
CA CYS A 118 24.34 10.44 0.49
C CYS A 118 25.79 10.61 0.95
N GLU A 119 26.68 9.77 0.42
CA GLU A 119 28.08 9.89 0.77
C GLU A 119 28.67 11.25 0.37
N GLN A 120 28.32 11.72 -0.84
N GLN A 120 28.30 11.77 -0.81
CA GLN A 120 28.80 12.97 -1.40
CA GLN A 120 28.90 12.99 -1.35
C GLN A 120 28.55 14.11 -0.42
C GLN A 120 28.49 14.22 -0.55
N VAL A 121 27.34 14.15 0.15
CA VAL A 121 26.91 15.28 0.95
C VAL A 121 27.31 15.07 2.42
N GLY A 122 27.74 13.85 2.76
CA GLY A 122 28.24 13.59 4.11
C GLY A 122 27.20 13.11 5.11
N VAL A 123 26.15 12.42 4.61
CA VAL A 123 25.18 11.71 5.42
C VAL A 123 25.86 10.48 6.04
N ASP A 124 25.44 10.11 7.26
CA ASP A 124 26.06 9.00 7.98
C ASP A 124 25.22 7.74 7.96
N SER A 125 23.88 7.87 8.00
CA SER A 125 23.04 6.67 8.00
C SER A 125 21.79 6.91 7.16
N VAL A 126 21.20 5.80 6.72
CA VAL A 126 19.92 5.84 6.06
C VAL A 126 19.04 4.75 6.67
N LEU A 127 17.81 5.16 7.04
CA LEU A 127 16.79 4.25 7.53
C LEU A 127 15.69 4.22 6.48
N VAL A 128 15.51 3.06 5.84
CA VAL A 128 14.44 2.94 4.87
C VAL A 128 13.25 2.26 5.58
N ALA A 129 12.19 3.04 5.79
CA ALA A 129 11.14 2.65 6.73
C ALA A 129 10.34 1.42 6.29
N ASP A 130 10.14 1.25 4.97
CA ASP A 130 9.27 0.21 4.45
C ASP A 130 10.09 -0.92 3.81
N VAL A 131 11.37 -1.03 4.19
CA VAL A 131 12.18 -2.16 3.75
C VAL A 131 12.57 -2.99 4.97
N PRO A 132 11.91 -4.15 5.22
CA PRO A 132 12.29 -5.00 6.35
C PRO A 132 13.63 -5.70 6.06
N VAL A 133 14.23 -6.32 7.09
CA VAL A 133 15.52 -7.00 6.89
C VAL A 133 15.41 -8.01 5.73
N GLU A 134 14.24 -8.62 5.61
CA GLU A 134 14.03 -9.69 4.65
C GLU A 134 14.22 -9.21 3.20
N GLU A 135 14.00 -7.91 2.95
CA GLU A 135 14.10 -7.32 1.61
C GLU A 135 15.32 -6.40 1.50
N SER A 136 16.18 -6.36 2.53
CA SER A 136 17.17 -5.30 2.67
C SER A 136 18.44 -5.47 1.82
N ALA A 137 18.76 -6.67 1.29
CA ALA A 137 20.09 -6.94 0.74
C ALA A 137 20.62 -5.82 -0.16
N PRO A 138 19.95 -5.40 -1.27
CA PRO A 138 20.56 -4.43 -2.17
C PRO A 138 20.73 -3.06 -1.50
N PHE A 139 19.92 -2.78 -0.47
CA PHE A 139 19.99 -1.49 0.21
C PHE A 139 21.18 -1.45 1.15
N ARG A 140 21.33 -2.48 1.99
CA ARG A 140 22.44 -2.51 2.91
C ARG A 140 23.76 -2.67 2.16
N GLN A 141 23.80 -3.45 1.08
CA GLN A 141 25.02 -3.59 0.30
C GLN A 141 25.45 -2.22 -0.26
N ALA A 142 24.51 -1.49 -0.84
CA ALA A 142 24.81 -0.19 -1.43
C ALA A 142 25.25 0.79 -0.35
N ALA A 143 24.58 0.75 0.81
CA ALA A 143 24.93 1.63 1.91
C ALA A 143 26.38 1.39 2.31
N LEU A 144 26.76 0.13 2.53
CA LEU A 144 28.10 -0.15 3.04
C LEU A 144 29.15 0.21 1.98
N ARG A 145 28.81 0.03 0.70
CA ARG A 145 29.78 0.36 -0.34
C ARG A 145 30.07 1.85 -0.38
N HIS A 146 29.13 2.66 0.12
CA HIS A 146 29.29 4.10 0.09
C HIS A 146 29.51 4.66 1.49
N ASN A 147 29.94 3.81 2.42
CA ASN A 147 30.28 4.22 3.79
C ASN A 147 29.10 4.86 4.51
N ILE A 148 27.90 4.37 4.22
CA ILE A 148 26.68 4.77 4.90
C ILE A 148 26.22 3.61 5.77
N ALA A 149 25.80 3.95 6.99
CA ALA A 149 25.25 2.96 7.89
C ALA A 149 23.80 2.67 7.50
N PRO A 150 23.42 1.41 7.19
CA PRO A 150 22.00 1.06 7.03
C PRO A 150 21.39 0.78 8.40
N ILE A 151 20.26 1.45 8.71
CA ILE A 151 19.63 1.34 10.02
C ILE A 151 18.48 0.34 9.91
N PHE A 152 18.43 -0.60 10.86
CA PHE A 152 17.36 -1.58 10.94
C PHE A 152 16.61 -1.44 12.25
N ILE A 153 15.41 -2.03 12.25
CA ILE A 153 14.44 -1.82 13.31
C ILE A 153 14.32 -3.08 14.14
N CYS A 154 14.38 -2.90 15.46
N CYS A 154 14.36 -2.91 15.46
CA CYS A 154 14.04 -3.94 16.42
CA CYS A 154 14.01 -3.97 16.40
C CYS A 154 12.66 -3.64 17.01
C CYS A 154 12.66 -3.66 17.02
N PRO A 155 11.56 -4.28 16.53
CA PRO A 155 10.23 -4.08 17.11
C PRO A 155 10.11 -4.76 18.47
N PRO A 156 9.10 -4.36 19.29
CA PRO A 156 8.93 -4.96 20.63
C PRO A 156 8.86 -6.48 20.63
N ASN A 157 8.25 -7.06 19.59
CA ASN A 157 8.04 -8.51 19.58
C ASN A 157 9.12 -9.25 18.81
N ALA A 158 10.26 -8.60 18.54
CA ALA A 158 11.35 -9.20 17.78
C ALA A 158 11.73 -10.55 18.38
N ASP A 159 11.80 -11.57 17.51
CA ASP A 159 12.30 -12.87 17.90
C ASP A 159 13.82 -12.90 17.78
N ASP A 160 14.41 -14.04 18.15
CA ASP A 160 15.86 -14.17 18.27
C ASP A 160 16.54 -14.06 16.91
N ASP A 161 15.96 -14.73 15.89
CA ASP A 161 16.46 -14.66 14.53
C ASP A 161 16.53 -13.20 14.08
N LEU A 162 15.47 -12.43 14.33
CA LEU A 162 15.48 -11.02 13.93
C LEU A 162 16.53 -10.23 14.69
N LEU A 163 16.66 -10.48 16.00
CA LEU A 163 17.69 -9.82 16.79
C LEU A 163 19.06 -10.05 16.19
N ARG A 164 19.37 -11.30 15.80
CA ARG A 164 20.67 -11.63 15.22
C ARG A 164 20.87 -10.96 13.86
N GLN A 165 19.82 -10.88 13.05
CA GLN A 165 19.94 -10.29 11.73
C GLN A 165 20.17 -8.79 11.86
N VAL A 166 19.42 -8.15 12.78
CA VAL A 166 19.53 -6.70 12.95
C VAL A 166 20.93 -6.36 13.47
N ALA A 167 21.44 -7.19 14.38
CA ALA A 167 22.77 -6.95 14.94
C ALA A 167 23.83 -7.06 13.85
N SER A 168 23.66 -8.04 12.95
CA SER A 168 24.65 -8.34 11.92
C SER A 168 24.63 -7.33 10.77
N TYR A 169 23.41 -6.94 10.33
CA TYR A 169 23.23 -6.21 9.08
C TYR A 169 23.32 -4.70 9.30
N GLY A 170 22.95 -4.23 10.50
CA GLY A 170 22.87 -2.80 10.76
C GLY A 170 24.23 -2.21 11.12
N ARG A 171 24.33 -0.88 11.08
CA ARG A 171 25.53 -0.21 11.56
C ARG A 171 25.08 1.14 12.11
N GLY A 172 25.99 1.82 12.81
CA GLY A 172 25.70 3.19 13.24
C GLY A 172 24.89 3.18 14.55
N TYR A 173 23.58 2.87 14.46
CA TYR A 173 22.76 2.64 15.64
C TYR A 173 21.68 1.62 15.29
N THR A 174 21.10 0.97 16.31
CA THR A 174 19.94 0.12 16.13
C THR A 174 18.69 0.86 16.57
N TYR A 175 17.65 0.81 15.73
CA TYR A 175 16.40 1.47 16.07
C TYR A 175 15.57 0.55 16.97
N LEU A 176 15.36 1.01 18.21
CA LEU A 176 14.52 0.27 19.14
C LEU A 176 13.15 0.91 19.16
N LEU A 177 12.19 0.24 18.52
CA LEU A 177 10.83 0.74 18.35
C LEU A 177 10.12 0.66 19.70
N SER A 178 9.48 1.75 20.15
N SER A 178 9.44 1.75 20.10
CA SER A 178 8.82 1.85 21.46
CA SER A 178 8.86 1.86 21.44
C SER A 178 7.57 0.96 21.49
C SER A 178 7.48 1.21 21.51
N ARG A 179 6.90 0.90 20.34
CA ARG A 179 5.54 0.38 20.25
C ARG A 179 5.22 0.09 18.78
N SER A 180 4.13 -0.65 18.55
CA SER A 180 3.53 -0.76 17.23
C SER A 180 2.88 0.57 16.84
N GLY A 181 2.32 0.60 15.63
CA GLY A 181 1.68 1.80 15.11
C GLY A 181 2.62 2.68 14.30
N VAL A 182 2.23 3.95 14.14
CA VAL A 182 2.95 4.91 13.31
C VAL A 182 3.42 6.05 14.20
N THR A 183 4.25 6.93 13.64
CA THR A 183 4.82 8.01 14.43
C THR A 183 3.70 8.84 15.03
N GLY A 184 3.94 9.37 16.23
CA GLY A 184 2.95 10.26 16.84
C GLY A 184 3.26 10.50 18.31
N ALA A 185 3.18 11.78 18.70
CA ALA A 185 3.56 12.24 20.03
C ALA A 185 2.54 11.79 21.08
N GLU A 186 1.28 11.61 20.66
CA GLU A 186 0.16 11.40 21.58
C GLU A 186 0.13 9.96 22.06
N ASN A 187 0.60 9.06 21.20
CA ASN A 187 0.59 7.63 21.46
C ASN A 187 1.92 7.27 22.10
N ARG A 188 1.97 7.21 23.44
CA ARG A 188 3.22 7.01 24.14
C ARG A 188 3.59 5.54 24.11
N GLY A 189 4.86 5.28 23.73
CA GLY A 189 5.37 3.92 23.71
C GLY A 189 5.63 3.42 25.13
N ALA A 190 5.83 2.10 25.26
CA ALA A 190 6.16 1.52 26.54
C ALA A 190 7.59 1.88 26.93
N LEU A 191 7.94 1.56 28.18
CA LEU A 191 9.32 1.59 28.65
C LEU A 191 10.17 0.74 27.71
N PRO A 192 11.44 1.13 27.47
CA PRO A 192 12.37 0.30 26.71
C PRO A 192 12.37 -1.12 27.25
N LEU A 193 12.38 -2.10 26.33
CA LEU A 193 12.35 -3.48 26.76
C LEU A 193 13.77 -3.95 27.03
N HIS A 194 14.08 -4.12 28.31
CA HIS A 194 15.42 -4.46 28.78
C HIS A 194 15.94 -5.72 28.08
N HIS A 195 15.06 -6.71 27.87
N HIS A 195 15.06 -6.70 27.87
CA HIS A 195 15.45 -7.96 27.26
CA HIS A 195 15.40 -7.96 27.25
C HIS A 195 16.03 -7.74 25.86
C HIS A 195 16.01 -7.74 25.87
N LEU A 196 15.40 -6.85 25.08
CA LEU A 196 15.86 -6.55 23.73
C LEU A 196 17.17 -5.78 23.79
N ILE A 197 17.24 -4.77 24.69
CA ILE A 197 18.45 -3.98 24.86
C ILE A 197 19.62 -4.90 25.18
N GLU A 198 19.39 -5.87 26.08
CA GLU A 198 20.44 -6.75 26.55
C GLU A 198 20.84 -7.75 25.45
N LYS A 199 19.86 -8.26 24.71
CA LYS A 199 20.15 -9.19 23.63
C LYS A 199 20.95 -8.49 22.51
N LEU A 200 20.59 -7.24 22.19
CA LEU A 200 21.30 -6.51 21.14
C LEU A 200 22.76 -6.35 21.55
N LYS A 201 22.99 -6.09 22.85
CA LYS A 201 24.36 -5.94 23.35
C LYS A 201 25.10 -7.27 23.27
N GLU A 202 24.43 -8.37 23.65
CA GLU A 202 25.02 -9.70 23.57
C GLU A 202 25.51 -10.00 22.15
N TYR A 203 24.73 -9.56 21.15
CA TYR A 203 25.01 -9.80 19.75
C TYR A 203 25.83 -8.68 19.10
N HIS A 204 26.37 -7.75 19.91
CA HIS A 204 27.28 -6.72 19.45
C HIS A 204 26.61 -5.84 18.39
N ALA A 205 25.32 -5.59 18.56
CA ALA A 205 24.60 -4.67 17.69
C ALA A 205 25.10 -3.24 17.89
N ALA A 206 24.91 -2.43 16.87
CA ALA A 206 25.15 -1.00 17.00
C ALA A 206 24.29 -0.48 18.16
N PRO A 207 24.71 0.57 18.89
CA PRO A 207 23.97 1.02 20.08
C PRO A 207 22.52 1.41 19.77
N ALA A 208 21.61 1.18 20.72
CA ALA A 208 20.19 1.30 20.46
C ALA A 208 19.71 2.72 20.75
N LEU A 209 18.93 3.27 19.82
CA LEU A 209 18.18 4.49 20.07
C LEU A 209 16.70 4.14 20.07
N GLN A 210 16.01 4.51 21.15
N GLN A 210 16.01 4.50 21.15
CA GLN A 210 14.57 4.23 21.25
CA GLN A 210 14.58 4.24 21.21
C GLN A 210 13.78 5.34 20.56
C GLN A 210 13.83 5.34 20.47
N GLY A 211 12.80 4.96 19.71
CA GLY A 211 11.97 5.95 19.03
C GLY A 211 10.52 5.49 18.88
N PHE A 212 9.64 6.49 18.67
CA PHE A 212 8.19 6.45 18.48
C PHE A 212 7.54 6.85 19.80
N GLY A 213 6.80 7.98 19.77
CA GLY A 213 6.03 8.37 20.93
C GLY A 213 6.83 8.97 22.08
N ILE A 214 8.14 9.25 21.86
CA ILE A 214 8.96 9.87 22.90
C ILE A 214 8.78 11.37 22.78
N SER A 215 8.13 11.98 23.79
CA SER A 215 7.69 13.35 23.68
CA SER A 215 7.72 13.37 23.66
C SER A 215 8.00 14.14 24.94
N SER A 216 8.63 13.49 25.93
CA SER A 216 8.83 14.13 27.22
C SER A 216 10.20 13.74 27.78
N PRO A 217 10.84 14.64 28.57
CA PRO A 217 12.11 14.33 29.21
C PRO A 217 12.10 13.03 30.03
N GLU A 218 10.99 12.77 30.71
CA GLU A 218 10.87 11.58 31.54
C GLU A 218 11.09 10.33 30.69
N GLN A 219 10.61 10.36 29.44
CA GLN A 219 10.70 9.16 28.61
C GLN A 219 12.14 8.98 28.12
N VAL A 220 12.84 10.10 27.93
CA VAL A 220 14.24 10.06 27.52
C VAL A 220 15.04 9.45 28.67
N SER A 221 14.80 9.93 29.89
CA SER A 221 15.52 9.41 31.05
C SER A 221 15.28 7.91 31.19
N ALA A 222 14.02 7.50 31.04
CA ALA A 222 13.64 6.10 31.18
C ALA A 222 14.34 5.23 30.15
N ALA A 223 14.51 5.73 28.92
CA ALA A 223 15.17 4.97 27.86
C ALA A 223 16.63 4.71 28.24
N VAL A 224 17.31 5.76 28.70
CA VAL A 224 18.73 5.64 29.02
C VAL A 224 18.91 4.75 30.25
N ARG A 225 18.04 4.93 31.25
CA ARG A 225 18.15 4.13 32.46
CA ARG A 225 18.09 4.13 32.47
C ARG A 225 17.96 2.65 32.15
N ALA A 226 17.17 2.33 31.11
CA ALA A 226 16.91 0.94 30.73
C ALA A 226 18.08 0.35 29.95
N GLY A 227 19.02 1.21 29.54
CA GLY A 227 20.26 0.78 28.93
C GLY A 227 20.35 1.12 27.45
N ALA A 228 19.36 1.85 26.92
CA ALA A 228 19.44 2.31 25.54
C ALA A 228 20.50 3.41 25.46
N ALA A 229 21.11 3.60 24.28
CA ALA A 229 22.15 4.61 24.14
C ALA A 229 21.54 6.00 23.95
N GLY A 230 20.22 6.08 23.77
CA GLY A 230 19.58 7.37 23.60
C GLY A 230 18.17 7.23 23.07
N ALA A 231 17.60 8.37 22.65
CA ALA A 231 16.20 8.41 22.23
C ALA A 231 16.01 9.43 21.10
N ILE A 232 15.03 9.13 20.24
CA ILE A 232 14.61 9.97 19.13
C ILE A 232 13.21 10.51 19.41
N SER A 233 12.99 11.80 19.11
CA SER A 233 11.69 12.45 19.21
C SER A 233 11.45 13.22 17.92
N GLY A 234 10.31 12.95 17.26
CA GLY A 234 9.95 13.61 16.02
C GLY A 234 8.69 14.47 16.16
N SER A 235 7.54 13.80 16.34
CA SER A 235 6.26 14.49 16.37
C SER A 235 6.25 15.63 17.40
N ALA A 236 6.85 15.41 18.58
CA ALA A 236 6.88 16.46 19.60
C ALA A 236 7.60 17.72 19.12
N ILE A 237 8.67 17.53 18.34
CA ILE A 237 9.45 18.63 17.79
C ILE A 237 8.63 19.30 16.69
N VAL A 238 8.05 18.48 15.79
CA VAL A 238 7.30 18.99 14.65
C VAL A 238 6.06 19.77 15.11
N LYS A 239 5.45 19.37 16.23
CA LYS A 239 4.28 20.09 16.73
C LYS A 239 4.65 21.54 17.06
N ILE A 240 5.90 21.76 17.48
CA ILE A 240 6.33 23.11 17.85
C ILE A 240 6.40 23.96 16.58
N ILE A 241 6.88 23.34 15.49
CA ILE A 241 6.91 24.02 14.20
C ILE A 241 5.49 24.37 13.76
N GLU A 242 4.59 23.38 13.80
CA GLU A 242 3.22 23.52 13.31
C GLU A 242 2.49 24.64 14.08
N LYS A 243 2.77 24.74 15.38
CA LYS A 243 2.05 25.65 16.28
C LYS A 243 2.48 27.08 16.01
N ASN A 244 3.70 27.25 15.50
CA ASN A 244 4.30 28.58 15.52
C ASN A 244 4.61 29.09 14.11
N LEU A 245 3.83 28.65 13.11
CA LEU A 245 4.12 28.99 11.72
C LEU A 245 4.14 30.50 11.49
N ALA A 246 3.25 31.25 12.16
CA ALA A 246 3.20 32.70 11.95
C ALA A 246 4.15 33.44 12.90
N SER A 247 4.89 32.70 13.73
CA SER A 247 5.73 33.29 14.75
C SER A 247 7.11 32.62 14.76
N PRO A 248 7.93 32.81 13.70
CA PRO A 248 9.21 32.13 13.55
C PRO A 248 10.21 32.30 14.69
N LYS A 249 10.24 33.48 15.34
CA LYS A 249 11.14 33.69 16.47
C LYS A 249 10.67 32.88 17.67
N GLN A 250 9.36 32.91 17.93
CA GLN A 250 8.79 32.10 19.01
C GLN A 250 9.01 30.61 18.70
N MET A 251 8.94 30.22 17.42
CA MET A 251 9.15 28.83 17.06
C MET A 251 10.53 28.36 17.53
N LEU A 252 11.55 29.16 17.20
CA LEU A 252 12.92 28.79 17.53
C LEU A 252 13.14 28.80 19.05
N ALA A 253 12.57 29.79 19.77
CA ALA A 253 12.71 29.83 21.22
C ALA A 253 12.12 28.58 21.87
N GLU A 254 10.94 28.15 21.39
CA GLU A 254 10.28 26.98 21.96
C GLU A 254 11.01 25.69 21.58
N LEU A 255 11.53 25.62 20.34
CA LEU A 255 12.33 24.46 19.96
C LEU A 255 13.58 24.38 20.85
N ARG A 256 14.19 25.53 21.12
CA ARG A 256 15.42 25.54 21.90
C ARG A 256 15.13 25.02 23.31
N SER A 257 14.06 25.54 23.93
N SER A 257 14.04 25.51 23.91
CA SER A 257 13.66 25.15 25.28
CA SER A 257 13.65 25.19 25.27
C SER A 257 13.45 23.65 25.36
C SER A 257 13.36 23.69 25.41
N PHE A 258 12.62 23.14 24.43
CA PHE A 258 12.26 21.72 24.41
C PHE A 258 13.50 20.84 24.23
N VAL A 259 14.32 21.16 23.22
CA VAL A 259 15.48 20.33 22.93
C VAL A 259 16.43 20.30 24.12
N SER A 260 16.64 21.48 24.74
CA SER A 260 17.51 21.59 25.89
CA SER A 260 17.51 21.60 25.90
C SER A 260 17.02 20.70 27.02
N ALA A 261 15.69 20.68 27.24
CA ALA A 261 15.12 19.89 28.32
C ALA A 261 15.27 18.40 28.01
N MET A 262 15.04 18.03 26.73
CA MET A 262 15.13 16.62 26.35
C MET A 262 16.57 16.13 26.48
N LYS A 263 17.54 17.00 26.13
CA LYS A 263 18.93 16.62 26.20
C LYS A 263 19.36 16.46 27.66
N ALA A 264 18.93 17.39 28.53
CA ALA A 264 19.25 17.30 29.95
C ALA A 264 18.83 15.94 30.50
N ALA A 265 17.68 15.44 30.04
CA ALA A 265 17.12 14.18 30.49
C ALA A 265 17.99 12.99 30.08
N SER A 266 18.81 13.15 29.04
CA SER A 266 19.64 12.07 28.53
C SER A 266 20.86 11.81 29.43
N ARG A 267 21.08 12.70 30.41
N ARG A 267 21.07 12.71 30.41
CA ARG A 267 22.25 12.57 31.27
CA ARG A 267 22.21 12.64 31.31
C ARG A 267 21.93 11.68 32.48
C ARG A 267 21.81 11.94 32.61
N ALA A 268 20.65 11.27 32.60
CA ALA A 268 20.13 10.59 33.78
C ALA A 268 20.67 9.15 33.88
N THR B 2 12.14 -15.22 5.73
CA THR B 2 11.83 -16.60 5.24
C THR B 2 10.33 -16.72 5.09
N THR B 3 9.90 -17.38 4.01
CA THR B 3 8.48 -17.61 3.77
C THR B 3 8.30 -19.05 3.31
N LEU B 4 7.05 -19.54 3.34
CA LEU B 4 6.74 -20.88 2.87
C LEU B 4 6.53 -20.88 1.36
N LEU B 5 6.01 -19.75 0.84
CA LEU B 5 5.69 -19.60 -0.58
C LEU B 5 6.53 -18.47 -1.17
N ASN B 6 6.64 -18.48 -2.50
CA ASN B 6 7.43 -17.47 -3.20
C ASN B 6 6.71 -16.12 -3.18
N PRO B 7 7.29 -15.07 -2.55
CA PRO B 7 6.65 -13.75 -2.52
C PRO B 7 6.73 -12.95 -3.82
N TYR B 8 7.47 -13.48 -4.80
CA TYR B 8 7.73 -12.77 -6.04
C TYR B 8 7.12 -13.46 -7.25
N PHE B 9 6.81 -12.63 -8.24
CA PHE B 9 6.44 -13.07 -9.59
C PHE B 9 7.49 -12.45 -10.51
N GLY B 10 8.53 -13.22 -10.83
CA GLY B 10 9.70 -12.59 -11.45
C GLY B 10 10.26 -11.51 -10.51
N GLU B 11 10.42 -10.28 -11.02
CA GLU B 11 10.96 -9.13 -10.32
C GLU B 11 9.94 -8.53 -9.37
N PHE B 12 8.65 -8.87 -9.54
CA PHE B 12 7.60 -8.07 -8.92
C PHE B 12 7.04 -8.75 -7.67
N GLY B 13 6.68 -7.92 -6.68
CA GLY B 13 6.00 -8.41 -5.50
C GLY B 13 6.80 -8.09 -4.24
N GLY B 14 7.04 -9.11 -3.42
CA GLY B 14 7.80 -8.91 -2.18
C GLY B 14 6.95 -8.47 -0.98
N MET B 15 7.64 -8.04 0.08
CA MET B 15 7.03 -7.73 1.38
C MET B 15 7.63 -6.43 1.89
N TYR B 16 7.27 -5.33 1.22
CA TYR B 16 7.89 -4.04 1.51
C TYR B 16 7.05 -3.27 2.53
N VAL B 17 7.04 -3.82 3.75
CA VAL B 17 6.32 -3.18 4.84
C VAL B 17 7.28 -2.88 5.97
N PRO B 18 6.90 -1.93 6.87
CA PRO B 18 7.67 -1.75 8.11
C PRO B 18 7.86 -3.09 8.80
N GLN B 19 9.05 -3.27 9.39
CA GLN B 19 9.46 -4.50 10.06
C GLN B 19 8.40 -4.98 11.06
N ILE B 20 7.69 -4.04 11.70
CA ILE B 20 6.69 -4.35 12.72
C ILE B 20 5.64 -5.34 12.18
N LEU B 21 5.31 -5.27 10.89
CA LEU B 21 4.22 -6.02 10.29
C LEU B 21 4.67 -7.38 9.75
N MET B 22 5.98 -7.66 9.75
CA MET B 22 6.40 -8.91 9.14
C MET B 22 5.81 -10.13 9.84
N PRO B 23 5.79 -10.20 11.19
CA PRO B 23 5.17 -11.37 11.86
C PRO B 23 3.72 -11.59 11.46
N ALA B 24 2.96 -10.50 11.30
CA ALA B 24 1.56 -10.62 10.89
C ALA B 24 1.47 -11.24 9.48
N LEU B 25 2.34 -10.81 8.56
CA LEU B 25 2.28 -11.39 7.23
C LEU B 25 2.69 -12.85 7.26
N ASN B 26 3.74 -13.19 8.04
CA ASN B 26 4.15 -14.59 8.12
C ASN B 26 3.05 -15.46 8.74
N GLN B 27 2.37 -14.91 9.74
CA GLN B 27 1.27 -15.62 10.41
C GLN B 27 0.13 -15.87 9.42
N LEU B 28 -0.17 -14.85 8.61
CA LEU B 28 -1.24 -15.00 7.61
C LEU B 28 -0.86 -16.06 6.57
N GLU B 29 0.41 -16.04 6.13
CA GLU B 29 0.85 -17.01 5.13
C GLU B 29 0.73 -18.43 5.69
N GLU B 30 1.18 -18.64 6.93
N GLU B 30 1.19 -18.64 6.94
CA GLU B 30 1.13 -19.97 7.53
CA GLU B 30 1.13 -19.94 7.59
C GLU B 30 -0.33 -20.43 7.67
C GLU B 30 -0.32 -20.42 7.65
N ALA B 31 -1.21 -19.49 8.01
CA ALA B 31 -2.62 -19.82 8.24
C ALA B 31 -3.28 -20.21 6.91
N PHE B 32 -2.92 -19.48 5.86
CA PHE B 32 -3.39 -19.77 4.51
C PHE B 32 -2.90 -21.14 4.05
N VAL B 33 -1.59 -21.44 4.18
CA VAL B 33 -1.07 -22.73 3.75
C VAL B 33 -1.80 -23.85 4.49
N SER B 34 -1.98 -23.68 5.81
CA SER B 34 -2.68 -24.64 6.65
C SER B 34 -4.12 -24.85 6.18
N ALA B 35 -4.83 -23.74 5.95
CA ALA B 35 -6.23 -23.80 5.55
C ALA B 35 -6.39 -24.48 4.19
N GLN B 36 -5.44 -24.25 3.27
CA GLN B 36 -5.56 -24.74 1.90
C GLN B 36 -5.51 -26.27 1.90
N LYS B 37 -4.93 -26.87 2.95
CA LYS B 37 -4.82 -28.33 3.02
C LYS B 37 -5.82 -28.91 4.02
N ASP B 38 -6.71 -28.05 4.55
CA ASP B 38 -7.64 -28.43 5.60
C ASP B 38 -9.01 -28.74 4.99
N PRO B 39 -9.48 -30.00 4.91
CA PRO B 39 -10.78 -30.28 4.30
C PRO B 39 -11.97 -29.60 4.98
N GLU B 40 -11.89 -29.37 6.30
CA GLU B 40 -12.97 -28.70 7.02
C GLU B 40 -13.06 -27.23 6.57
N PHE B 41 -11.90 -26.57 6.44
CA PHE B 41 -11.86 -25.18 5.98
C PHE B 41 -12.43 -25.12 4.56
N GLN B 42 -11.98 -26.03 3.68
CA GLN B 42 -12.43 -26.01 2.29
C GLN B 42 -13.94 -26.22 2.21
N ALA B 43 -14.47 -27.12 3.05
CA ALA B 43 -15.90 -27.40 3.07
C ALA B 43 -16.69 -26.20 3.56
N GLN B 44 -16.19 -25.50 4.60
CA GLN B 44 -16.87 -24.32 5.14
CA GLN B 44 -16.90 -24.32 5.12
C GLN B 44 -16.91 -23.21 4.07
N PHE B 45 -15.77 -23.02 3.39
CA PHE B 45 -15.65 -21.97 2.38
C PHE B 45 -16.59 -22.31 1.22
N ALA B 46 -16.59 -23.58 0.80
CA ALA B 46 -17.44 -23.98 -0.31
C ALA B 46 -18.91 -23.79 0.02
N ASP B 47 -19.29 -24.13 1.25
CA ASP B 47 -20.68 -24.01 1.68
C ASP B 47 -21.11 -22.55 1.65
N LEU B 48 -20.28 -21.64 2.16
CA LEU B 48 -20.61 -20.22 2.10
C LEU B 48 -20.74 -19.76 0.65
N LEU B 49 -19.77 -20.14 -0.20
CA LEU B 49 -19.86 -19.70 -1.58
C LEU B 49 -21.17 -20.13 -2.23
N LYS B 50 -21.57 -21.40 -2.03
CA LYS B 50 -22.75 -21.95 -2.66
C LYS B 50 -24.03 -21.39 -2.04
N ASN B 51 -24.17 -21.54 -0.72
CA ASN B 51 -25.49 -21.43 -0.12
C ASN B 51 -25.73 -20.03 0.40
N TYR B 52 -24.65 -19.25 0.55
CA TYR B 52 -24.77 -17.86 1.02
C TYR B 52 -24.57 -16.85 -0.11
N ALA B 53 -23.50 -17.07 -0.92
CA ALA B 53 -23.13 -16.08 -1.91
C ALA B 53 -23.82 -16.34 -3.25
N GLY B 54 -24.16 -17.61 -3.53
CA GLY B 54 -24.91 -17.94 -4.73
C GLY B 54 -24.06 -18.52 -5.88
N ARG B 55 -22.90 -19.11 -5.57
CA ARG B 55 -22.11 -19.72 -6.64
C ARG B 55 -22.67 -21.08 -7.02
N PRO B 56 -22.47 -21.58 -8.25
CA PRO B 56 -21.73 -20.88 -9.31
C PRO B 56 -22.58 -19.79 -9.96
N THR B 57 -21.89 -18.75 -10.45
CA THR B 57 -22.57 -17.67 -11.11
C THR B 57 -22.77 -18.05 -12.58
N ALA B 58 -23.83 -17.48 -13.19
CA ALA B 58 -24.18 -17.81 -14.56
C ALA B 58 -23.09 -17.37 -15.55
N LEU B 59 -23.07 -18.03 -16.71
CA LEU B 59 -22.31 -17.55 -17.86
C LEU B 59 -23.33 -17.24 -18.96
N THR B 60 -23.50 -15.94 -19.26
CA THR B 60 -24.60 -15.51 -20.12
C THR B 60 -24.07 -15.24 -21.54
N LYS B 61 -24.70 -15.83 -22.55
CA LYS B 61 -24.37 -15.51 -23.93
C LYS B 61 -25.11 -14.24 -24.33
N CYS B 62 -24.37 -13.26 -24.86
N CYS B 62 -24.37 -13.25 -24.83
CA CYS B 62 -24.97 -12.04 -25.35
CA CYS B 62 -25.01 -11.99 -25.18
C CYS B 62 -25.81 -12.36 -26.59
C CYS B 62 -25.08 -11.87 -26.69
N GLN B 63 -27.03 -11.83 -26.65
N GLN B 63 -26.25 -12.15 -27.25
N GLN B 63 -26.50 -12.01 -27.10
CA GLN B 63 -27.97 -12.22 -27.70
CA GLN B 63 -26.41 -12.18 -28.69
CA GLN B 63 -26.83 -12.32 -28.49
C GLN B 63 -28.05 -11.19 -28.83
C GLN B 63 -26.67 -10.78 -29.25
C GLN B 63 -27.07 -11.04 -29.28
N ASN B 64 -27.53 -9.98 -28.60
CA ASN B 64 -27.91 -8.76 -29.32
C ASN B 64 -26.67 -7.94 -29.66
N ILE B 65 -25.73 -7.84 -28.73
CA ILE B 65 -24.67 -6.86 -28.93
C ILE B 65 -23.64 -7.33 -29.95
N THR B 66 -23.64 -8.64 -30.27
CA THR B 66 -22.69 -9.11 -31.25
C THR B 66 -23.34 -9.33 -32.62
N ALA B 67 -24.60 -8.93 -32.78
CA ALA B 67 -25.31 -9.22 -34.02
C ALA B 67 -24.56 -8.66 -35.23
N GLY B 68 -24.50 -9.47 -36.28
CA GLY B 68 -23.88 -9.08 -37.55
C GLY B 68 -22.36 -9.21 -37.58
N THR B 69 -21.75 -9.79 -36.53
CA THR B 69 -20.32 -10.00 -36.47
C THR B 69 -20.03 -11.48 -36.26
N ARG B 70 -18.74 -11.83 -36.29
CA ARG B 70 -18.34 -13.21 -36.05
CA ARG B 70 -18.35 -13.21 -36.03
C ARG B 70 -17.82 -13.38 -34.61
N THR B 71 -18.14 -12.42 -33.73
CA THR B 71 -17.81 -12.54 -32.31
C THR B 71 -18.94 -13.24 -31.56
N THR B 72 -18.62 -14.28 -30.78
CA THR B 72 -19.53 -14.84 -29.79
C THR B 72 -19.04 -14.35 -28.43
N LEU B 73 -19.90 -13.66 -27.67
CA LEU B 73 -19.49 -13.06 -26.39
C LEU B 73 -20.31 -13.64 -25.24
N TYR B 74 -19.62 -14.17 -24.23
CA TYR B 74 -20.25 -14.58 -22.99
C TYR B 74 -19.82 -13.64 -21.88
N LEU B 75 -20.70 -13.44 -20.90
CA LEU B 75 -20.37 -12.65 -19.72
C LEU B 75 -20.42 -13.55 -18.51
N LYS B 76 -19.32 -13.58 -17.76
CA LYS B 76 -19.28 -14.27 -16.48
C LYS B 76 -19.95 -13.38 -15.44
N ARG B 77 -21.03 -13.89 -14.82
CA ARG B 77 -21.95 -13.00 -14.11
C ARG B 77 -21.59 -12.86 -12.63
N GLU B 78 -20.44 -12.22 -12.34
CA GLU B 78 -20.09 -11.94 -10.97
C GLU B 78 -21.00 -10.85 -10.40
N ASP B 79 -21.72 -10.14 -11.29
CA ASP B 79 -22.71 -9.14 -10.88
C ASP B 79 -23.86 -9.82 -10.12
N LEU B 80 -24.02 -11.15 -10.26
CA LEU B 80 -25.11 -11.85 -9.59
C LEU B 80 -24.70 -12.39 -8.22
N LEU B 81 -23.41 -12.28 -7.86
CA LEU B 81 -22.96 -12.74 -6.56
C LEU B 81 -23.54 -11.87 -5.45
N HIS B 82 -23.83 -12.49 -4.31
CA HIS B 82 -24.33 -11.72 -3.17
C HIS B 82 -23.39 -10.55 -2.88
N GLY B 83 -23.98 -9.35 -2.72
CA GLY B 83 -23.20 -8.15 -2.50
C GLY B 83 -23.06 -7.35 -3.80
N GLY B 84 -23.07 -8.05 -4.94
CA GLY B 84 -23.11 -7.37 -6.22
C GLY B 84 -21.76 -7.30 -6.96
N ALA B 85 -20.72 -7.97 -6.45
CA ALA B 85 -19.47 -8.02 -7.19
C ALA B 85 -18.67 -9.24 -6.78
N HIS B 86 -17.63 -9.53 -7.56
CA HIS B 86 -16.72 -10.66 -7.30
C HIS B 86 -16.03 -10.54 -5.93
N LYS B 87 -15.96 -9.33 -5.37
CA LYS B 87 -15.23 -9.08 -4.13
C LYS B 87 -15.68 -10.03 -3.02
N THR B 88 -16.96 -10.42 -3.05
CA THR B 88 -17.50 -11.25 -1.98
C THR B 88 -16.78 -12.61 -1.90
N ASN B 89 -16.30 -13.16 -3.02
CA ASN B 89 -15.69 -14.50 -2.97
C ASN B 89 -14.54 -14.57 -1.97
N GLN B 90 -13.54 -13.69 -2.14
CA GLN B 90 -12.31 -13.85 -1.37
C GLN B 90 -12.47 -13.30 0.05
N VAL B 91 -13.40 -12.37 0.23
CA VAL B 91 -13.70 -11.90 1.59
C VAL B 91 -14.19 -13.06 2.44
N LEU B 92 -14.99 -13.97 1.86
CA LEU B 92 -15.48 -15.08 2.68
C LEU B 92 -14.31 -15.94 3.10
N GLY B 93 -13.35 -16.19 2.19
CA GLY B 93 -12.15 -16.94 2.56
C GLY B 93 -11.28 -16.23 3.60
N GLN B 94 -11.03 -14.92 3.41
CA GLN B 94 -10.18 -14.20 4.33
C GLN B 94 -10.86 -14.07 5.70
N ALA B 95 -12.20 -13.92 5.72
CA ALA B 95 -12.89 -13.82 7.00
C ALA B 95 -12.71 -15.12 7.78
N LEU B 96 -12.80 -16.26 7.09
CA LEU B 96 -12.56 -17.52 7.75
C LEU B 96 -11.11 -17.61 8.24
N LEU B 97 -10.14 -17.07 7.46
CA LEU B 97 -8.75 -17.06 7.92
C LEU B 97 -8.63 -16.21 9.19
N ALA B 98 -9.27 -15.03 9.20
CA ALA B 98 -9.22 -14.16 10.36
C ALA B 98 -9.67 -14.93 11.62
N LYS B 99 -10.78 -15.66 11.52
CA LYS B 99 -11.31 -16.42 12.64
C LYS B 99 -10.32 -17.52 13.03
N ARG B 100 -9.74 -18.20 12.02
N ARG B 100 -9.70 -18.14 12.03
CA ARG B 100 -8.73 -19.23 12.22
CA ARG B 100 -8.73 -19.22 12.20
C ARG B 100 -7.56 -18.69 13.06
C ARG B 100 -7.50 -18.72 12.95
N MET B 101 -7.20 -17.42 12.85
CA MET B 101 -6.06 -16.81 13.53
C MET B 101 -6.45 -16.17 14.86
N GLY B 102 -7.73 -16.29 15.26
CA GLY B 102 -8.16 -15.78 16.55
C GLY B 102 -8.35 -14.27 16.55
N LYS B 103 -8.69 -13.71 15.39
N LYS B 103 -8.58 -13.68 15.36
CA LYS B 103 -8.89 -12.27 15.32
CA LYS B 103 -8.87 -12.25 15.26
C LYS B 103 -10.38 -11.97 15.22
C LYS B 103 -10.37 -12.05 15.40
N SER B 104 -10.78 -10.85 15.84
CA SER B 104 -12.19 -10.55 16.04
C SER B 104 -12.54 -9.22 15.38
N GLU B 105 -11.55 -8.59 14.75
CA GLU B 105 -11.79 -7.31 14.11
C GLU B 105 -11.24 -7.38 12.69
N ILE B 106 -11.87 -6.61 11.80
CA ILE B 106 -11.46 -6.50 10.40
C ILE B 106 -11.21 -5.03 10.06
N ILE B 107 -10.08 -4.75 9.36
CA ILE B 107 -9.86 -3.48 8.67
C ILE B 107 -9.95 -3.75 7.17
N ALA B 108 -10.64 -2.88 6.43
CA ALA B 108 -10.57 -2.98 4.96
C ALA B 108 -10.53 -1.58 4.36
N GLU B 109 -9.95 -1.49 3.17
CA GLU B 109 -10.03 -0.29 2.33
C GLU B 109 -11.12 -0.55 1.30
N THR B 110 -11.74 0.51 0.78
CA THR B 110 -12.62 0.29 -0.37
C THR B 110 -12.63 1.53 -1.24
N GLY B 111 -12.82 1.30 -2.56
CA GLY B 111 -12.94 2.39 -3.51
C GLY B 111 -14.35 2.48 -4.08
N ALA B 112 -14.72 1.45 -4.83
CA ALA B 112 -16.07 1.34 -5.36
C ALA B 112 -17.06 1.06 -4.22
N GLY B 113 -16.56 0.65 -3.05
CA GLY B 113 -17.47 0.28 -1.96
C GLY B 113 -17.98 -1.16 -2.04
N GLN B 114 -17.55 -1.91 -3.06
CA GLN B 114 -17.96 -3.30 -3.21
C GLN B 114 -17.15 -4.21 -2.29
N HIS B 115 -15.85 -3.92 -2.16
CA HIS B 115 -15.06 -4.66 -1.18
C HIS B 115 -15.50 -4.29 0.22
N GLY B 116 -15.83 -2.99 0.43
CA GLY B 116 -16.32 -2.61 1.73
C GLY B 116 -17.65 -3.30 2.06
N VAL B 117 -18.57 -3.36 1.10
CA VAL B 117 -19.85 -4.07 1.30
C VAL B 117 -19.59 -5.55 1.58
N ALA B 118 -18.66 -6.16 0.83
CA ALA B 118 -18.32 -7.57 1.02
C ALA B 118 -17.76 -7.80 2.44
N SER B 119 -16.84 -6.91 2.86
CA SER B 119 -16.20 -7.01 4.16
C SER B 119 -17.25 -6.89 5.28
N ALA B 120 -18.16 -5.92 5.10
CA ALA B 120 -19.21 -5.66 6.08
C ALA B 120 -20.16 -6.85 6.17
N LEU B 121 -20.59 -7.40 5.02
CA LEU B 121 -21.54 -8.51 5.06
C LEU B 121 -20.89 -9.76 5.69
N ALA B 122 -19.62 -10.02 5.36
CA ALA B 122 -18.94 -11.21 5.89
C ALA B 122 -18.74 -11.06 7.40
N SER B 123 -18.44 -9.82 7.84
CA SER B 123 -18.22 -9.55 9.25
C SER B 123 -19.53 -9.72 10.04
N ALA B 124 -20.66 -9.29 9.44
CA ALA B 124 -21.96 -9.43 10.09
C ALA B 124 -22.29 -10.91 10.25
N LEU B 125 -22.04 -11.67 9.19
CA LEU B 125 -22.34 -13.09 9.18
C LEU B 125 -21.46 -13.87 10.17
N LEU B 126 -20.18 -13.54 10.22
CA LEU B 126 -19.23 -14.39 10.92
C LEU B 126 -18.81 -13.80 12.27
N GLY B 127 -19.42 -12.67 12.66
CA GLY B 127 -19.25 -12.10 14.00
C GLY B 127 -17.90 -11.40 14.20
N LEU B 128 -17.56 -10.51 13.25
CA LEU B 128 -16.34 -9.72 13.32
C LEU B 128 -16.74 -8.25 13.35
N LYS B 129 -15.94 -7.43 14.04
CA LYS B 129 -16.16 -6.00 14.09
C LYS B 129 -15.40 -5.33 12.95
N CYS B 130 -16.12 -4.66 12.03
CA CYS B 130 -15.53 -4.24 10.77
C CYS B 130 -15.38 -2.71 10.72
N ARG B 131 -14.18 -2.22 10.34
CA ARG B 131 -14.04 -0.80 10.01
C ARG B 131 -13.44 -0.65 8.60
N ILE B 132 -13.99 0.29 7.83
CA ILE B 132 -13.68 0.40 6.42
C ILE B 132 -13.20 1.82 6.15
N TYR B 133 -12.03 1.96 5.49
CA TYR B 133 -11.54 3.27 5.09
C TYR B 133 -11.97 3.50 3.64
N MET B 134 -12.45 4.71 3.34
CA MET B 134 -12.94 5.01 1.99
C MET B 134 -12.59 6.46 1.69
N GLY B 135 -11.98 6.71 0.51
CA GLY B 135 -11.66 8.10 0.18
C GLY B 135 -12.93 8.93 0.10
N ALA B 136 -12.83 10.20 0.53
CA ALA B 136 -13.99 11.06 0.61
C ALA B 136 -14.63 11.30 -0.76
N LYS B 137 -13.82 11.32 -1.83
CA LYS B 137 -14.38 11.48 -3.17
C LYS B 137 -15.26 10.26 -3.49
N ASP B 138 -14.81 9.09 -3.05
CA ASP B 138 -15.51 7.85 -3.35
C ASP B 138 -16.77 7.71 -2.49
N VAL B 139 -16.71 8.22 -1.25
CA VAL B 139 -17.90 8.30 -0.40
C VAL B 139 -19.02 8.99 -1.16
N GLU B 140 -18.67 10.01 -1.98
CA GLU B 140 -19.68 10.75 -2.73
C GLU B 140 -20.13 9.99 -3.98
N ARG B 141 -19.19 9.56 -4.84
CA ARG B 141 -19.53 9.02 -6.15
C ARG B 141 -19.98 7.55 -6.08
N GLN B 142 -19.79 6.88 -4.93
CA GLN B 142 -20.27 5.50 -4.78
C GLN B 142 -21.17 5.42 -3.55
N SER B 143 -21.92 6.50 -3.32
CA SER B 143 -22.68 6.68 -2.09
CA SER B 143 -22.71 6.70 -2.11
C SER B 143 -23.60 5.51 -1.74
N PRO B 144 -24.30 4.82 -2.69
CA PRO B 144 -25.19 3.73 -2.27
C PRO B 144 -24.47 2.68 -1.43
N ASN B 145 -23.17 2.47 -1.71
CA ASN B 145 -22.42 1.46 -0.98
C ASN B 145 -22.09 1.92 0.43
N VAL B 146 -22.02 3.23 0.67
CA VAL B 146 -21.75 3.73 2.01
C VAL B 146 -22.95 3.41 2.88
N PHE B 147 -24.16 3.64 2.34
CA PHE B 147 -25.38 3.34 3.07
C PHE B 147 -25.46 1.84 3.38
N ARG B 148 -25.14 1.01 2.38
CA ARG B 148 -25.16 -0.45 2.55
C ARG B 148 -24.22 -0.91 3.67
N MET B 149 -22.96 -0.48 3.62
CA MET B 149 -21.99 -0.82 4.66
C MET B 149 -22.48 -0.44 6.06
N ARG B 150 -22.96 0.80 6.23
CA ARG B 150 -23.38 1.24 7.55
C ARG B 150 -24.62 0.47 8.06
N LEU B 151 -25.57 0.14 7.16
CA LEU B 151 -26.75 -0.59 7.60
C LEU B 151 -26.33 -1.97 8.11
N MET B 152 -25.20 -2.47 7.60
CA MET B 152 -24.73 -3.78 8.05
C MET B 152 -23.84 -3.67 9.29
N GLY B 153 -23.75 -2.46 9.85
CA GLY B 153 -23.06 -2.27 11.12
C GLY B 153 -21.55 -2.02 11.01
N ALA B 154 -21.02 -1.83 9.80
CA ALA B 154 -19.61 -1.51 9.63
C ALA B 154 -19.40 -0.04 9.94
N GLU B 155 -18.21 0.30 10.47
CA GLU B 155 -17.84 1.71 10.61
C GLU B 155 -17.18 2.14 9.30
N VAL B 156 -17.65 3.24 8.70
CA VAL B 156 -17.07 3.71 7.46
C VAL B 156 -16.36 5.02 7.76
N ILE B 157 -15.04 5.07 7.48
CA ILE B 157 -14.18 6.20 7.86
C ILE B 157 -13.76 6.93 6.58
N PRO B 158 -14.31 8.13 6.29
CA PRO B 158 -13.87 8.92 5.13
C PRO B 158 -12.42 9.35 5.25
N VAL B 159 -11.70 9.28 4.12
CA VAL B 159 -10.30 9.65 4.07
C VAL B 159 -10.19 10.89 3.17
N HIS B 160 -9.78 12.01 3.75
CA HIS B 160 -9.69 13.26 3.01
C HIS B 160 -8.29 13.54 2.46
N SER B 161 -7.27 12.81 2.93
N SER B 161 -7.30 12.74 2.88
CA SER B 161 -5.90 13.04 2.53
CA SER B 161 -5.90 12.92 2.52
C SER B 161 -5.64 12.65 1.07
C SER B 161 -5.67 12.66 1.03
N GLY B 162 -4.60 13.25 0.49
CA GLY B 162 -4.17 13.00 -0.87
C GLY B 162 -5.26 13.23 -1.90
N SER B 163 -5.50 12.21 -2.72
CA SER B 163 -6.52 12.25 -3.76
C SER B 163 -7.92 11.96 -3.22
N ALA B 164 -8.02 11.55 -1.95
CA ALA B 164 -9.30 11.16 -1.36
C ALA B 164 -9.98 10.04 -2.15
N THR B 165 -9.15 9.10 -2.62
CA THR B 165 -9.62 7.96 -3.40
C THR B 165 -8.94 6.71 -2.89
N LEU B 166 -8.95 5.63 -3.69
CA LEU B 166 -8.58 4.32 -3.19
C LEU B 166 -7.17 4.28 -2.58
N LYS B 167 -6.16 4.86 -3.24
CA LYS B 167 -4.81 4.75 -2.68
C LYS B 167 -4.78 5.34 -1.26
N ASP B 168 -5.55 6.41 -1.04
CA ASP B 168 -5.56 7.10 0.24
C ASP B 168 -6.22 6.23 1.32
N ALA B 169 -7.29 5.53 0.93
CA ALA B 169 -7.92 4.55 1.81
C ALA B 169 -6.96 3.41 2.12
N CYS B 170 -6.24 2.91 1.10
CA CYS B 170 -5.21 1.88 1.31
C CYS B 170 -4.17 2.34 2.33
N ASN B 171 -3.68 3.59 2.19
CA ASN B 171 -2.64 4.12 3.07
C ASN B 171 -3.15 4.06 4.51
N GLU B 172 -4.39 4.55 4.73
CA GLU B 172 -4.93 4.61 6.08
C GLU B 172 -5.17 3.23 6.67
N ALA B 173 -5.64 2.29 5.83
CA ALA B 173 -5.84 0.92 6.29
C ALA B 173 -4.53 0.32 6.80
N LEU B 174 -3.46 0.47 6.01
CA LEU B 174 -2.17 -0.08 6.40
C LEU B 174 -1.61 0.62 7.63
N ARG B 175 -1.74 1.96 7.70
CA ARG B 175 -1.31 2.66 8.91
C ARG B 175 -2.02 2.09 10.14
N ASP B 176 -3.34 1.91 10.04
CA ASP B 176 -4.13 1.38 11.15
C ASP B 176 -3.59 0.00 11.55
N TRP B 177 -3.47 -0.89 10.57
CA TRP B 177 -3.06 -2.27 10.82
C TRP B 177 -1.70 -2.33 11.52
N SER B 178 -0.78 -1.41 11.14
CA SER B 178 0.54 -1.44 11.75
C SER B 178 0.47 -1.22 13.27
N GLY B 179 -0.64 -0.65 13.77
CA GLY B 179 -0.87 -0.47 15.19
C GLY B 179 -1.88 -1.46 15.80
N SER B 180 -2.69 -2.14 14.98
CA SER B 180 -3.81 -2.90 15.55
C SER B 180 -3.75 -4.39 15.18
N TYR B 181 -2.67 -4.86 14.53
CA TYR B 181 -2.59 -6.21 14.00
C TYR B 181 -2.76 -7.29 15.07
N GLU B 182 -2.56 -6.97 16.35
CA GLU B 182 -2.66 -8.03 17.35
C GLU B 182 -4.09 -8.54 17.45
N THR B 183 -5.04 -7.63 17.20
CA THR B 183 -6.44 -7.97 17.29
C THR B 183 -7.18 -7.89 15.94
N ALA B 184 -6.61 -7.19 14.95
CA ALA B 184 -7.29 -6.94 13.69
C ALA B 184 -6.63 -7.69 12.54
N HIS B 185 -7.46 -8.30 11.68
CA HIS B 185 -7.00 -8.77 10.39
C HIS B 185 -7.23 -7.68 9.34
N TYR B 186 -6.19 -7.40 8.51
CA TYR B 186 -6.33 -6.51 7.37
C TYR B 186 -6.85 -7.32 6.18
N MET B 187 -8.12 -7.09 5.85
CA MET B 187 -8.75 -7.82 4.75
C MET B 187 -8.56 -7.00 3.48
N LEU B 188 -7.36 -7.11 2.90
CA LEU B 188 -7.00 -6.40 1.69
C LEU B 188 -7.91 -6.91 0.57
N GLY B 189 -8.41 -5.99 -0.27
CA GLY B 189 -9.48 -6.33 -1.20
C GLY B 189 -9.05 -6.57 -2.64
N THR B 190 -7.74 -6.54 -2.92
CA THR B 190 -7.31 -6.75 -4.30
C THR B 190 -6.03 -7.61 -4.33
N ALA B 191 -5.61 -8.07 -5.52
CA ALA B 191 -4.46 -8.95 -5.68
C ALA B 191 -3.16 -8.15 -5.69
N ALA B 192 -2.97 -7.30 -4.68
CA ALA B 192 -1.83 -6.41 -4.61
C ALA B 192 -1.41 -6.31 -3.15
N GLY B 193 -0.46 -5.42 -2.87
CA GLY B 193 0.02 -5.31 -1.51
C GLY B 193 1.12 -6.34 -1.27
N PRO B 194 1.58 -6.48 -0.01
CA PRO B 194 2.69 -7.37 0.32
C PRO B 194 2.24 -8.82 0.24
N HIS B 195 3.16 -9.70 -0.09
CA HIS B 195 2.93 -11.13 0.08
C HIS B 195 2.51 -11.37 1.52
N PRO B 196 1.53 -12.26 1.82
CA PRO B 196 0.94 -13.19 0.84
C PRO B 196 -0.36 -12.77 0.15
N TYR B 197 -0.74 -11.48 0.23
CA TYR B 197 -2.03 -11.06 -0.28
C TYR B 197 -2.21 -11.37 -1.77
N PRO B 198 -1.29 -11.05 -2.71
CA PRO B 198 -1.57 -11.34 -4.12
C PRO B 198 -1.84 -12.83 -4.37
N THR B 199 -1.17 -13.68 -3.60
CA THR B 199 -1.36 -15.13 -3.74
C THR B 199 -2.72 -15.54 -3.15
N ILE B 200 -3.02 -15.12 -1.93
CA ILE B 200 -4.26 -15.51 -1.27
C ILE B 200 -5.47 -15.04 -2.09
N VAL B 201 -5.43 -13.77 -2.51
CA VAL B 201 -6.54 -13.21 -3.26
C VAL B 201 -6.76 -14.00 -4.55
N ARG B 202 -5.69 -14.32 -5.29
CA ARG B 202 -5.83 -15.17 -6.47
C ARG B 202 -6.47 -16.51 -6.14
N GLU B 203 -5.97 -17.16 -5.08
CA GLU B 203 -6.44 -18.51 -4.82
C GLU B 203 -7.89 -18.51 -4.34
N PHE B 204 -8.33 -17.39 -3.74
CA PHE B 204 -9.70 -17.29 -3.25
C PHE B 204 -10.64 -16.61 -4.27
N GLN B 205 -10.11 -16.27 -5.47
CA GLN B 205 -10.88 -15.78 -6.60
C GLN B 205 -10.85 -16.76 -7.77
N ARG B 206 -10.08 -17.86 -7.69
CA ARG B 206 -9.81 -18.61 -8.90
C ARG B 206 -11.01 -19.43 -9.38
N MET B 207 -12.04 -19.58 -8.51
N MET B 207 -12.06 -19.48 -8.54
CA MET B 207 -13.25 -20.26 -8.95
CA MET B 207 -13.28 -20.19 -8.87
C MET B 207 -13.89 -19.53 -10.13
C MET B 207 -14.08 -19.44 -9.94
N ILE B 208 -13.66 -18.21 -10.27
CA ILE B 208 -14.23 -17.51 -11.41
C ILE B 208 -13.82 -18.17 -12.73
N GLY B 209 -12.50 -18.34 -12.94
CA GLY B 209 -12.01 -18.93 -14.17
C GLY B 209 -12.31 -20.41 -14.21
N GLU B 210 -12.31 -21.09 -13.05
CA GLU B 210 -12.55 -22.54 -13.06
C GLU B 210 -13.97 -22.80 -13.56
N GLU B 211 -14.93 -22.02 -13.03
CA GLU B 211 -16.32 -22.18 -13.44
C GLU B 211 -16.47 -21.77 -14.91
N THR B 212 -15.87 -20.62 -15.29
CA THR B 212 -15.90 -20.20 -16.70
C THR B 212 -15.45 -21.31 -17.64
N LYS B 213 -14.30 -21.94 -17.35
CA LYS B 213 -13.83 -23.03 -18.18
C LYS B 213 -14.86 -24.15 -18.30
N ALA B 214 -15.47 -24.57 -17.19
CA ALA B 214 -16.41 -25.69 -17.22
C ALA B 214 -17.65 -25.31 -18.02
N GLN B 215 -18.05 -24.04 -17.89
CA GLN B 215 -19.27 -23.54 -18.50
C GLN B 215 -19.08 -23.39 -20.00
N ILE B 216 -17.92 -22.87 -20.42
N ILE B 216 -17.92 -22.85 -20.40
CA ILE B 216 -17.69 -22.69 -21.84
CA ILE B 216 -17.59 -22.67 -21.80
C ILE B 216 -17.45 -24.04 -22.52
C ILE B 216 -17.50 -24.03 -22.47
N LEU B 217 -16.82 -24.98 -21.82
CA LEU B 217 -16.70 -26.32 -22.39
C LEU B 217 -18.08 -26.96 -22.63
N ASP B 218 -18.95 -26.84 -21.64
CA ASP B 218 -20.32 -27.35 -21.74
C ASP B 218 -21.09 -26.73 -22.91
N LYS B 219 -20.98 -25.40 -23.12
CA LYS B 219 -21.81 -24.68 -24.06
CA LYS B 219 -21.83 -24.70 -24.07
CA LYS B 219 -21.82 -24.68 -24.06
C LYS B 219 -21.20 -24.63 -25.46
N GLU B 220 -19.86 -24.66 -25.54
CA GLU B 220 -19.14 -24.47 -26.81
C GLU B 220 -18.25 -25.66 -27.18
N GLY B 221 -17.94 -26.53 -26.21
CA GLY B 221 -17.11 -27.71 -26.48
C GLY B 221 -15.63 -27.36 -26.73
N ARG B 222 -15.21 -26.15 -26.33
N ARG B 222 -15.21 -26.15 -26.35
CA ARG B 222 -13.83 -25.73 -26.49
CA ARG B 222 -13.83 -25.71 -26.53
C ARG B 222 -13.55 -24.64 -25.46
C ARG B 222 -13.59 -24.46 -25.70
N LEU B 223 -12.31 -24.15 -25.45
CA LEU B 223 -11.91 -23.04 -24.60
C LEU B 223 -12.16 -21.73 -25.33
N PRO B 224 -12.24 -20.60 -24.58
CA PRO B 224 -12.38 -19.30 -25.24
C PRO B 224 -11.11 -18.94 -26.02
N ASP B 225 -11.27 -18.09 -27.04
CA ASP B 225 -10.12 -17.49 -27.71
C ASP B 225 -9.46 -16.47 -26.80
N ALA B 226 -10.25 -15.80 -25.96
CA ALA B 226 -9.70 -14.85 -24.99
C ALA B 226 -10.67 -14.64 -23.84
N VAL B 227 -10.10 -14.36 -22.66
CA VAL B 227 -10.88 -13.89 -21.53
C VAL B 227 -10.39 -12.48 -21.20
N ILE B 228 -11.33 -11.58 -20.93
CA ILE B 228 -11.08 -10.15 -20.80
C ILE B 228 -11.61 -9.66 -19.45
N ALA B 229 -10.78 -8.90 -18.71
CA ALA B 229 -11.19 -8.42 -17.39
C ALA B 229 -10.59 -7.05 -17.13
N CYS B 230 -11.32 -6.19 -16.41
CA CYS B 230 -10.74 -4.93 -15.96
C CYS B 230 -9.73 -5.18 -14.83
N VAL B 231 -8.78 -4.24 -14.71
CA VAL B 231 -7.67 -4.39 -13.76
C VAL B 231 -7.56 -3.08 -12.96
N GLY B 232 -7.93 -3.17 -11.69
CA GLY B 232 -7.58 -2.12 -10.73
C GLY B 232 -6.31 -2.62 -10.03
N GLY B 233 -6.50 -3.20 -8.86
CA GLY B 233 -5.39 -3.90 -8.21
C GLY B 233 -5.15 -5.25 -8.85
N GLY B 234 -6.19 -5.85 -9.45
CA GLY B 234 -5.99 -7.09 -10.22
C GLY B 234 -6.76 -8.34 -9.77
N SER B 235 -7.67 -8.25 -8.79
CA SER B 235 -8.28 -9.47 -8.25
C SER B 235 -9.27 -10.15 -9.20
N ASN B 236 -10.21 -9.40 -9.80
CA ASN B 236 -11.17 -10.09 -10.65
C ASN B 236 -10.46 -10.66 -11.89
N ALA B 237 -9.45 -9.93 -12.41
CA ALA B 237 -8.73 -10.40 -13.59
C ALA B 237 -7.93 -11.65 -13.25
N ILE B 238 -7.19 -11.64 -12.12
CA ILE B 238 -6.40 -12.84 -11.83
C ILE B 238 -7.35 -14.00 -11.49
N GLY B 239 -8.52 -13.70 -10.90
CA GLY B 239 -9.48 -14.76 -10.61
C GLY B 239 -9.98 -15.44 -11.88
N MET B 240 -10.22 -14.64 -12.92
CA MET B 240 -10.63 -15.18 -14.21
C MET B 240 -9.45 -15.86 -14.91
N PHE B 241 -8.25 -15.26 -14.84
CA PHE B 241 -7.10 -15.75 -15.59
C PHE B 241 -6.52 -17.06 -15.05
N ALA B 242 -6.51 -17.24 -13.72
CA ALA B 242 -5.63 -18.23 -13.10
C ALA B 242 -5.74 -19.61 -13.75
N ASP B 243 -6.98 -20.11 -13.88
CA ASP B 243 -7.16 -21.48 -14.34
C ASP B 243 -6.87 -21.63 -15.84
N PHE B 244 -6.70 -20.51 -16.55
CA PHE B 244 -6.37 -20.53 -17.97
C PHE B 244 -4.88 -20.31 -18.25
N ILE B 245 -4.06 -20.02 -17.23
CA ILE B 245 -2.67 -19.64 -17.50
C ILE B 245 -1.95 -20.74 -18.27
N ASN B 246 -2.20 -22.01 -17.91
CA ASN B 246 -1.55 -23.11 -18.57
C ASN B 246 -2.23 -23.55 -19.88
N ASP B 247 -3.35 -22.90 -20.25
CA ASP B 247 -3.97 -23.15 -21.54
C ASP B 247 -3.44 -22.11 -22.53
N THR B 248 -2.33 -22.44 -23.18
CA THR B 248 -1.53 -21.45 -23.90
C THR B 248 -2.29 -20.80 -25.06
N SER B 249 -3.32 -21.47 -25.58
CA SER B 249 -4.13 -20.93 -26.67
C SER B 249 -5.08 -19.83 -26.21
N VAL B 250 -5.31 -19.73 -24.90
CA VAL B 250 -6.33 -18.81 -24.40
C VAL B 250 -5.68 -17.47 -24.13
N GLY B 251 -6.15 -16.44 -24.83
CA GLY B 251 -5.67 -15.09 -24.57
C GLY B 251 -6.15 -14.59 -23.22
N LEU B 252 -5.29 -13.82 -22.54
CA LEU B 252 -5.61 -13.20 -21.27
C LEU B 252 -5.44 -11.71 -21.49
N ILE B 253 -6.54 -10.97 -21.44
CA ILE B 253 -6.49 -9.54 -21.74
C ILE B 253 -6.97 -8.76 -20.53
N GLY B 254 -6.08 -7.90 -20.00
CA GLY B 254 -6.41 -7.06 -18.86
C GLY B 254 -6.62 -5.62 -19.32
N VAL B 255 -7.64 -4.95 -18.76
CA VAL B 255 -8.01 -3.61 -19.20
C VAL B 255 -7.82 -2.63 -18.05
N GLU B 256 -6.83 -1.75 -18.19
CA GLU B 256 -6.59 -0.69 -17.21
C GLU B 256 -7.45 0.50 -17.57
N PRO B 257 -7.79 1.39 -16.61
CA PRO B 257 -8.54 2.62 -16.93
C PRO B 257 -7.68 3.68 -17.60
N GLY B 258 -8.18 4.17 -18.73
CA GLY B 258 -7.48 5.20 -19.49
C GLY B 258 -7.96 6.57 -19.05
N GLY B 259 -8.99 6.63 -18.18
CA GLY B 259 -9.35 7.95 -17.66
C GLY B 259 -9.79 8.93 -18.76
N HIS B 260 -9.26 10.18 -18.70
CA HIS B 260 -9.54 11.16 -19.72
C HIS B 260 -8.70 10.94 -20.99
N GLY B 261 -7.88 9.88 -21.01
CA GLY B 261 -6.94 9.63 -22.10
C GLY B 261 -5.53 9.54 -21.54
N ILE B 262 -4.79 8.51 -21.98
CA ILE B 262 -3.43 8.33 -21.47
C ILE B 262 -2.62 9.63 -21.61
N GLU B 263 -2.77 10.30 -22.75
CA GLU B 263 -1.97 11.48 -23.06
C GLU B 263 -2.21 12.63 -22.06
N THR B 264 -3.35 12.61 -21.35
CA THR B 264 -3.67 13.68 -20.41
C THR B 264 -2.96 13.45 -19.08
N GLY B 265 -2.47 12.23 -18.85
CA GLY B 265 -1.88 11.90 -17.55
C GLY B 265 -2.94 11.60 -16.48
N GLU B 266 -4.22 11.71 -16.86
CA GLU B 266 -5.34 11.48 -15.93
C GLU B 266 -5.90 10.10 -16.24
N HIS B 267 -5.28 9.07 -15.66
CA HIS B 267 -5.60 7.69 -15.95
C HIS B 267 -5.21 6.84 -14.74
N GLY B 268 -5.38 5.51 -14.85
CA GLY B 268 -4.91 4.58 -13.84
C GLY B 268 -4.27 3.37 -14.50
N ALA B 269 -3.31 3.62 -15.40
CA ALA B 269 -2.80 2.53 -16.24
C ALA B 269 -1.28 2.42 -16.04
N PRO B 270 -0.81 2.13 -14.81
CA PRO B 270 0.63 2.01 -14.57
C PRO B 270 1.29 0.80 -15.22
N LEU B 271 0.53 -0.28 -15.44
N LEU B 271 0.52 -0.27 -15.47
CA LEU B 271 1.23 -1.44 -15.96
CA LEU B 271 1.09 -1.49 -16.03
C LEU B 271 1.83 -1.07 -17.33
C LEU B 271 1.75 -1.18 -17.37
N LYS B 272 1.07 -0.34 -18.16
CA LYS B 272 1.53 0.00 -19.50
C LYS B 272 2.17 1.39 -19.58
N HIS B 273 1.89 2.28 -18.62
CA HIS B 273 2.29 3.67 -18.76
C HIS B 273 3.05 4.19 -17.54
N GLY B 274 3.27 3.30 -16.57
CA GLY B 274 4.01 3.68 -15.37
C GLY B 274 5.42 3.11 -15.42
N ARG B 275 6.07 3.04 -14.26
CA ARG B 275 7.35 2.36 -14.17
C ARG B 275 7.53 1.76 -12.79
N VAL B 276 8.37 0.71 -12.71
N VAL B 276 8.41 0.75 -12.70
CA VAL B 276 8.50 -0.03 -11.48
CA VAL B 276 8.58 -0.04 -11.48
C VAL B 276 8.90 0.87 -10.31
C VAL B 276 8.91 0.88 -10.31
N GLY B 277 8.23 0.64 -9.17
CA GLY B 277 8.49 1.36 -7.93
C GLY B 277 8.16 0.48 -6.75
N ILE B 278 8.35 1.02 -5.53
CA ILE B 278 8.03 0.29 -4.31
C ILE B 278 7.03 1.15 -3.54
N TYR B 279 5.82 0.59 -3.30
CA TYR B 279 4.77 1.30 -2.59
C TYR B 279 3.70 0.28 -2.22
N PHE B 280 3.03 0.53 -1.09
CA PHE B 280 1.92 -0.30 -0.63
C PHE B 280 2.41 -1.74 -0.49
N GLY B 281 3.65 -1.90 -0.01
CA GLY B 281 4.11 -3.22 0.39
C GLY B 281 4.66 -4.07 -0.76
N MET B 282 4.73 -3.50 -1.98
CA MET B 282 5.10 -4.31 -3.12
C MET B 282 6.00 -3.52 -4.07
N LYS B 283 6.79 -4.28 -4.82
CA LYS B 283 7.51 -3.78 -5.98
C LYS B 283 6.66 -4.08 -7.22
N ALA B 284 6.18 -3.01 -7.86
CA ALA B 284 5.23 -3.14 -8.94
C ALA B 284 5.27 -1.89 -9.81
N PRO B 285 4.72 -1.94 -11.04
CA PRO B 285 4.56 -0.74 -11.85
C PRO B 285 3.71 0.28 -11.09
N MET B 286 4.15 1.55 -11.14
CA MET B 286 3.28 2.55 -10.57
CA MET B 286 3.57 2.67 -10.39
C MET B 286 3.44 3.87 -11.32
N MET B 287 2.39 4.68 -11.17
CA MET B 287 2.39 6.04 -11.68
C MET B 287 3.20 6.88 -10.70
N GLN B 288 4.30 7.46 -11.17
CA GLN B 288 5.18 8.18 -10.27
C GLN B 288 5.79 9.37 -10.99
N THR B 289 6.19 10.38 -10.20
CA THR B 289 6.87 11.54 -10.77
C THR B 289 8.31 11.17 -11.13
N ALA B 290 8.97 12.10 -11.83
CA ALA B 290 10.38 11.93 -12.17
C ALA B 290 11.21 11.59 -10.92
N ASP B 291 10.89 12.24 -9.79
CA ASP B 291 11.67 12.09 -8.57
C ASP B 291 11.25 10.88 -7.74
N GLY B 292 10.15 10.22 -8.13
CA GLY B 292 9.74 9.01 -7.41
C GLY B 292 8.65 9.27 -6.38
N GLN B 293 8.00 10.46 -6.43
CA GLN B 293 6.77 10.61 -5.67
C GLN B 293 5.66 9.83 -6.36
N ILE B 294 4.72 9.28 -5.58
CA ILE B 294 3.63 8.49 -6.16
C ILE B 294 2.62 9.47 -6.72
N GLU B 295 2.23 9.26 -7.99
CA GLU B 295 1.25 10.15 -8.60
CA GLU B 295 1.25 10.15 -8.62
C GLU B 295 -0.16 9.74 -8.20
N GLU B 296 -1.06 10.72 -8.21
CA GLU B 296 -2.49 10.45 -8.08
C GLU B 296 -3.00 9.93 -9.43
N SER B 297 -3.75 8.83 -9.37
CA SER B 297 -4.44 8.27 -10.53
C SER B 297 -5.74 9.02 -10.76
N TYR B 298 -6.44 8.61 -11.82
CA TYR B 298 -7.78 9.07 -12.10
C TYR B 298 -8.52 8.03 -12.93
N SER B 299 -9.78 7.77 -12.58
CA SER B 299 -10.71 7.08 -13.45
C SER B 299 -12.11 7.51 -13.08
N ILE B 300 -13.03 7.50 -14.06
CA ILE B 300 -14.44 7.69 -13.73
C ILE B 300 -14.87 6.62 -12.71
N SER B 301 -14.25 5.43 -12.77
CA SER B 301 -14.60 4.30 -11.92
CA SER B 301 -14.59 4.28 -11.94
CA SER B 301 -14.63 4.33 -11.90
C SER B 301 -13.71 4.24 -10.68
N ALA B 302 -14.32 4.37 -9.50
CA ALA B 302 -13.61 4.37 -8.23
C ALA B 302 -12.83 3.08 -8.02
N GLY B 303 -13.36 1.95 -8.51
CA GLY B 303 -12.70 0.67 -8.32
C GLY B 303 -11.40 0.52 -9.11
N LEU B 304 -11.24 1.31 -10.18
CA LEU B 304 -10.02 1.25 -10.99
C LEU B 304 -9.07 2.42 -10.71
N ASP B 305 -9.48 3.34 -9.83
CA ASP B 305 -8.77 4.60 -9.64
C ASP B 305 -7.63 4.38 -8.63
N PHE B 306 -6.55 3.76 -9.11
CA PHE B 306 -5.43 3.35 -8.27
C PHE B 306 -4.16 3.42 -9.11
N PRO B 307 -3.06 4.02 -8.59
CA PRO B 307 -1.85 4.23 -9.38
C PRO B 307 -0.85 3.09 -9.42
N SER B 308 -1.27 1.88 -9.01
CA SER B 308 -0.42 0.70 -9.14
C SER B 308 -1.26 -0.47 -9.62
N VAL B 309 -0.69 -1.68 -9.47
CA VAL B 309 -1.29 -2.88 -10.00
C VAL B 309 -0.62 -4.07 -9.35
N GLY B 310 -1.34 -5.17 -9.20
CA GLY B 310 -0.82 -6.37 -8.55
C GLY B 310 0.37 -6.97 -9.30
N PRO B 311 1.33 -7.58 -8.57
CA PRO B 311 2.60 -7.98 -9.15
C PRO B 311 2.48 -9.17 -10.11
N GLN B 312 1.44 -10.00 -9.95
CA GLN B 312 1.33 -11.13 -10.86
C GLN B 312 0.96 -10.62 -12.26
N HIS B 313 0.15 -9.54 -12.35
CA HIS B 313 -0.18 -8.96 -13.65
C HIS B 313 1.08 -8.37 -14.29
N ALA B 314 1.88 -7.64 -13.50
CA ALA B 314 3.14 -7.12 -14.04
C ALA B 314 4.02 -8.25 -14.60
N TYR B 315 4.05 -9.37 -13.90
CA TYR B 315 4.81 -10.55 -14.35
C TYR B 315 4.23 -11.16 -15.63
N LEU B 316 2.93 -11.43 -15.62
CA LEU B 316 2.32 -12.06 -16.80
C LEU B 316 2.53 -11.18 -18.03
N ASN B 317 2.46 -9.85 -17.85
CA ASN B 317 2.73 -8.96 -18.96
C ASN B 317 4.18 -9.10 -19.42
N SER B 318 5.13 -9.10 -18.47
N SER B 318 5.12 -9.15 -18.46
CA SER B 318 6.54 -9.06 -18.82
CA SER B 318 6.54 -9.09 -18.76
C SER B 318 6.93 -10.25 -19.72
C SER B 318 7.00 -10.26 -19.64
N ILE B 319 6.34 -11.42 -19.47
CA ILE B 319 6.66 -12.62 -20.22
C ILE B 319 5.77 -12.81 -21.45
N GLY B 320 4.84 -11.86 -21.64
CA GLY B 320 3.94 -11.91 -22.79
C GLY B 320 2.76 -12.89 -22.64
N ARG B 321 2.56 -13.47 -21.45
CA ARG B 321 1.45 -14.41 -21.30
C ARG B 321 0.11 -13.68 -21.26
N ALA B 322 0.08 -12.44 -20.73
CA ALA B 322 -1.14 -11.65 -20.78
C ALA B 322 -0.83 -10.32 -21.44
N ASP B 323 -1.82 -9.79 -22.16
CA ASP B 323 -1.74 -8.50 -22.81
C ASP B 323 -2.61 -7.52 -22.04
N TYR B 324 -2.14 -6.27 -21.92
CA TYR B 324 -2.86 -5.24 -21.20
C TYR B 324 -3.09 -4.05 -22.12
N VAL B 325 -4.31 -3.52 -22.05
CA VAL B 325 -4.79 -2.41 -22.86
C VAL B 325 -5.46 -1.42 -21.92
N SER B 326 -5.90 -0.29 -22.47
CA SER B 326 -6.66 0.67 -21.69
C SER B 326 -7.95 1.07 -22.41
N ILE B 327 -8.90 1.52 -21.59
CA ILE B 327 -10.21 2.01 -22.04
C ILE B 327 -10.51 3.32 -21.35
N THR B 328 -10.96 4.33 -22.12
CA THR B 328 -11.20 5.64 -21.50
C THR B 328 -12.56 5.69 -20.79
N ASP B 329 -12.78 6.76 -20.02
CA ASP B 329 -14.08 6.98 -19.37
C ASP B 329 -15.19 6.95 -20.43
N ASP B 330 -15.02 7.65 -21.57
CA ASP B 330 -16.11 7.71 -22.55
C ASP B 330 -16.38 6.33 -23.16
N GLU B 331 -15.32 5.56 -23.41
CA GLU B 331 -15.52 4.20 -23.93
C GLU B 331 -16.28 3.32 -22.92
N ALA B 332 -15.87 3.40 -21.65
CA ALA B 332 -16.59 2.69 -20.58
C ALA B 332 -18.06 3.09 -20.51
N LEU B 333 -18.35 4.39 -20.60
CA LEU B 333 -19.74 4.82 -20.52
C LEU B 333 -20.57 4.27 -21.67
N GLU B 334 -20.01 4.23 -22.88
CA GLU B 334 -20.73 3.73 -24.04
CA GLU B 334 -20.78 3.74 -24.02
C GLU B 334 -21.05 2.25 -23.84
N ALA B 335 -20.10 1.51 -23.27
CA ALA B 335 -20.30 0.08 -23.06
C ALA B 335 -21.38 -0.15 -21.99
N PHE B 336 -21.37 0.70 -20.95
CA PHE B 336 -22.38 0.66 -19.90
C PHE B 336 -23.77 0.82 -20.53
N LYS B 337 -23.92 1.87 -21.33
CA LYS B 337 -25.22 2.17 -21.95
C LYS B 337 -25.66 1.02 -22.86
N THR B 338 -24.71 0.52 -23.65
CA THR B 338 -24.98 -0.55 -24.60
C THR B 338 -25.49 -1.81 -23.89
N LEU B 339 -24.84 -2.20 -22.78
CA LEU B 339 -25.28 -3.43 -22.10
C LEU B 339 -26.65 -3.23 -21.48
N CYS B 340 -26.89 -2.05 -20.87
CA CYS B 340 -28.18 -1.79 -20.26
C CYS B 340 -29.30 -1.92 -21.32
N ARG B 341 -29.08 -1.30 -22.49
CA ARG B 341 -30.16 -1.13 -23.45
CA ARG B 341 -30.10 -1.09 -23.51
C ARG B 341 -30.34 -2.36 -24.34
N HIS B 342 -29.29 -3.17 -24.49
CA HIS B 342 -29.36 -4.25 -25.47
C HIS B 342 -29.29 -5.64 -24.84
N GLU B 343 -28.87 -5.73 -23.57
CA GLU B 343 -28.86 -7.02 -22.88
C GLU B 343 -29.66 -6.99 -21.59
N GLY B 344 -30.10 -5.80 -21.15
CA GLY B 344 -30.85 -5.73 -19.90
C GLY B 344 -30.01 -6.06 -18.68
N ILE B 345 -28.71 -5.73 -18.74
CA ILE B 345 -27.83 -5.91 -17.58
C ILE B 345 -27.17 -4.56 -17.32
N ILE B 346 -27.24 -4.10 -16.06
CA ILE B 346 -26.60 -2.85 -15.69
C ILE B 346 -25.25 -3.22 -15.06
N PRO B 347 -24.12 -2.98 -15.75
CA PRO B 347 -22.81 -3.41 -15.25
C PRO B 347 -22.18 -2.32 -14.39
N ALA B 348 -21.29 -2.73 -13.47
CA ALA B 348 -20.46 -1.75 -12.79
C ALA B 348 -19.62 -1.00 -13.82
N LEU B 349 -19.32 0.28 -13.56
CA LEU B 349 -18.44 1.01 -14.47
C LEU B 349 -17.06 0.39 -14.59
N GLU B 350 -16.55 -0.30 -13.54
CA GLU B 350 -15.26 -0.99 -13.64
C GLU B 350 -15.38 -2.06 -14.73
N SER B 351 -16.42 -2.90 -14.59
CA SER B 351 -16.67 -4.03 -15.50
C SER B 351 -16.92 -3.53 -16.94
N SER B 352 -17.46 -2.33 -17.06
CA SER B 352 -17.77 -1.70 -18.34
C SER B 352 -16.47 -1.46 -19.12
N HIS B 353 -15.34 -1.29 -18.42
CA HIS B 353 -14.06 -1.16 -19.13
C HIS B 353 -13.72 -2.45 -19.88
N ALA B 354 -13.93 -3.58 -19.22
CA ALA B 354 -13.67 -4.85 -19.87
C ALA B 354 -14.61 -5.05 -21.06
N LEU B 355 -15.90 -4.82 -20.83
CA LEU B 355 -16.86 -4.92 -21.91
C LEU B 355 -16.47 -4.01 -23.07
N ALA B 356 -16.11 -2.74 -22.77
CA ALA B 356 -15.76 -1.82 -23.85
C ALA B 356 -14.63 -2.38 -24.71
N HIS B 357 -13.64 -3.02 -24.08
CA HIS B 357 -12.56 -3.56 -24.89
C HIS B 357 -13.02 -4.73 -25.76
N ALA B 358 -13.89 -5.60 -25.21
CA ALA B 358 -14.43 -6.71 -26.00
C ALA B 358 -15.23 -6.16 -27.19
N LEU B 359 -16.01 -5.08 -26.95
CA LEU B 359 -16.80 -4.50 -28.05
C LEU B 359 -15.88 -3.92 -29.13
N LYS B 360 -14.74 -3.34 -28.71
CA LYS B 360 -13.74 -2.86 -29.67
C LYS B 360 -13.14 -4.02 -30.47
N MET B 361 -12.80 -5.12 -29.79
CA MET B 361 -12.26 -6.28 -30.50
C MET B 361 -13.20 -6.74 -31.60
N MET B 362 -14.51 -6.72 -31.29
CA MET B 362 -15.52 -7.14 -32.25
C MET B 362 -15.64 -6.10 -33.37
N ARG B 363 -15.82 -4.82 -32.99
CA ARG B 363 -16.12 -3.81 -33.98
C ARG B 363 -14.93 -3.55 -34.92
N GLU B 364 -13.70 -3.66 -34.39
CA GLU B 364 -12.53 -3.37 -35.20
C GLU B 364 -12.36 -4.42 -36.30
N GLN B 365 -12.71 -5.65 -35.99
CA GLN B 365 -12.49 -6.78 -36.88
C GLN B 365 -13.75 -7.63 -36.89
N PRO B 366 -14.82 -7.14 -37.53
CA PRO B 366 -16.14 -7.76 -37.33
C PRO B 366 -16.31 -9.12 -38.01
N GLU B 367 -15.41 -9.46 -38.94
N GLU B 367 -15.38 -9.46 -38.92
CA GLU B 367 -15.46 -10.77 -39.59
CA GLU B 367 -15.43 -10.74 -39.61
C GLU B 367 -14.43 -11.73 -39.01
C GLU B 367 -14.36 -11.69 -39.06
N LYS B 368 -13.77 -11.33 -37.92
CA LYS B 368 -12.85 -12.22 -37.22
C LYS B 368 -13.66 -13.17 -36.33
N GLU B 369 -13.50 -14.48 -36.55
N GLU B 369 -13.47 -14.48 -36.56
CA GLU B 369 -14.18 -15.45 -35.70
CA GLU B 369 -14.07 -15.49 -35.70
C GLU B 369 -13.48 -15.50 -34.35
C GLU B 369 -13.41 -15.40 -34.33
N GLN B 370 -14.22 -15.17 -33.28
CA GLN B 370 -13.63 -15.15 -31.95
C GLN B 370 -14.69 -15.44 -30.91
N LEU B 371 -14.32 -16.30 -29.96
CA LEU B 371 -15.15 -16.66 -28.81
C LEU B 371 -14.54 -16.01 -27.58
N LEU B 372 -15.26 -15.01 -27.04
CA LEU B 372 -14.70 -14.20 -25.97
C LEU B 372 -15.52 -14.40 -24.70
N VAL B 373 -14.86 -14.26 -23.54
CA VAL B 373 -15.56 -14.13 -22.26
C VAL B 373 -15.10 -12.84 -21.60
N VAL B 374 -16.07 -12.01 -21.21
CA VAL B 374 -15.82 -10.84 -20.37
C VAL B 374 -16.18 -11.19 -18.94
N ASN B 375 -15.28 -10.89 -18.00
CA ASN B 375 -15.63 -11.02 -16.60
C ASN B 375 -16.48 -9.82 -16.20
N LEU B 376 -17.80 -10.05 -15.98
N LEU B 376 -17.78 -10.07 -15.94
CA LEU B 376 -18.62 -8.94 -15.57
CA LEU B 376 -18.67 -9.00 -15.55
C LEU B 376 -18.56 -8.87 -14.05
C LEU B 376 -18.58 -8.85 -14.04
N SER B 377 -17.55 -8.12 -13.59
CA SER B 377 -17.12 -8.20 -12.19
C SER B 377 -18.18 -7.70 -11.20
N GLY B 378 -19.05 -6.75 -11.60
CA GLY B 378 -20.09 -6.35 -10.68
C GLY B 378 -21.27 -5.68 -11.37
N ARG B 379 -22.34 -5.41 -10.57
CA ARG B 379 -23.52 -4.73 -11.07
CA ARG B 379 -23.52 -4.73 -11.08
C ARG B 379 -23.34 -3.23 -10.87
N GLY B 380 -24.13 -2.44 -11.61
CA GLY B 380 -23.88 -1.00 -11.64
C GLY B 380 -24.83 -0.16 -10.80
N ASP B 381 -25.55 -0.78 -9.87
CA ASP B 381 -26.43 -0.04 -8.97
C ASP B 381 -25.70 1.13 -8.31
N LYS B 382 -24.45 0.91 -7.90
CA LYS B 382 -23.67 1.92 -7.19
C LYS B 382 -23.34 3.11 -8.09
N ASP B 383 -23.45 2.92 -9.41
CA ASP B 383 -22.99 3.89 -10.42
C ASP B 383 -24.14 4.65 -11.06
N ILE B 384 -25.40 4.30 -10.75
CA ILE B 384 -26.49 4.80 -11.60
C ILE B 384 -26.63 6.32 -11.43
N PHE B 385 -26.33 6.84 -10.24
CA PHE B 385 -26.47 8.29 -10.03
C PHE B 385 -25.38 9.05 -10.77
N THR B 386 -24.15 8.54 -10.68
CA THR B 386 -23.00 9.09 -11.38
C THR B 386 -23.25 9.12 -12.89
N VAL B 387 -23.68 7.99 -13.45
CA VAL B 387 -23.89 7.91 -14.89
C VAL B 387 -25.02 8.85 -15.30
N HIS B 388 -26.14 8.81 -14.56
CA HIS B 388 -27.26 9.69 -14.86
C HIS B 388 -26.81 11.15 -14.94
N ASP B 389 -26.06 11.60 -13.93
CA ASP B 389 -25.62 12.99 -13.85
C ASP B 389 -24.78 13.36 -15.08
N ILE B 390 -23.98 12.40 -15.56
CA ILE B 390 -23.09 12.63 -16.69
C ILE B 390 -23.93 12.77 -17.96
N LEU B 391 -24.79 11.77 -18.21
CA LEU B 391 -25.55 11.73 -19.45
C LEU B 391 -26.45 12.95 -19.55
N LYS B 392 -26.87 13.48 -18.38
CA LYS B 392 -27.72 14.65 -18.35
C LYS B 392 -26.91 15.90 -18.70
N ALA B 393 -25.76 16.07 -18.05
CA ALA B 393 -24.89 17.23 -18.28
C ALA B 393 -24.44 17.22 -19.74
N ARG B 394 -24.33 16.01 -20.29
CA ARG B 394 -23.92 15.79 -21.67
CA ARG B 394 -23.93 15.75 -21.66
C ARG B 394 -25.06 16.19 -22.60
N GLY B 395 -26.28 16.27 -22.06
CA GLY B 395 -27.44 16.69 -22.82
C GLY B 395 -28.23 15.52 -23.41
N GLU B 396 -28.11 14.35 -22.79
CA GLU B 396 -28.91 13.20 -23.16
C GLU B 396 -30.13 13.11 -22.23
C1 EDO C . 8.52 35.96 14.94
O1 EDO C . 8.18 36.67 13.75
C2 EDO C . 7.73 36.37 16.12
O2 EDO C . 7.45 35.29 16.99
C1 EDO D . 30.87 7.75 -5.36
O1 EDO D . 30.59 6.64 -6.20
C2 EDO D . 30.27 7.64 -3.99
O2 EDO D . 29.90 8.86 -3.35
C1 F9F E . 10.06 4.80 11.01
C2 F9F E . 11.29 4.68 11.67
C3 F9F E . 11.91 5.81 12.18
C4 F9F E . 11.33 7.06 11.99
C5 F9F E . 10.12 7.18 11.31
C6 F9F E . 9.48 6.05 10.83
O7 F9F E . 9.36 3.67 10.50
C8 F9F E . 9.84 2.46 10.68
F9F F9F E . 11.00 2.26 10.09
F10 F9F E . 10.01 2.12 11.94
F11 F9F E . 8.95 1.61 10.17
S12 F9F E . 12.14 8.49 12.63
N13 F9F E . 11.01 9.43 13.29
C14 F9F E . 10.31 8.81 14.43
C15 F9F E . 9.50 9.83 15.15
O16 F9F E . 8.56 9.19 16.08
P17 F9F E . 7.58 10.19 16.86
O18 F9F E . 8.45 10.84 17.92
O19 F9F E . 6.49 9.28 17.42
O20 F9F E . 7.13 11.19 15.81
O21 F9F E . 12.76 9.19 11.56
O22 F9F E . 12.95 8.01 13.71
C1 PEG F . 26.24 4.62 -9.70
O1 PEG F . 25.03 3.89 -9.85
C2 PEG F . 26.16 5.67 -8.64
O2 PEG F . 26.57 6.92 -9.20
C3 PEG F . 26.59 7.99 -8.27
C4 PEG F . 25.46 8.93 -8.56
O4 PEG F . 24.86 9.43 -7.37
CL CL G . 29.84 1.68 9.00
CL CL G . 29.44 3.67 9.49
CL CL H . 16.57 7.33 -6.30
C1 EDO I . 13.36 -11.93 -6.51
O1 EDO I . 12.82 -11.36 -7.69
C2 EDO I . 14.56 -11.25 -6.01
O2 EDO I . 14.88 -11.66 -4.70
O 0JO J . -14.86 -2.11 -4.07
C 0JO J . -13.70 -1.74 -4.01
OXT 0JO J . -13.13 -1.45 -2.96
CA 0JO J . -12.96 -1.70 -5.23
CB 0JO J . -11.63 -1.18 -5.27
N 0JO J . -13.55 -2.25 -6.33
C4A 0JO J . -12.91 -2.62 -7.39
C4 0JO J . -13.59 -3.31 -8.50
C3 0JO J . -15.00 -3.53 -8.44
O3 0JO J . -15.73 -3.15 -7.39
C2 0JO J . -15.64 -4.20 -9.51
C2A 0JO J . -17.12 -4.42 -9.49
N1 0JO J . -14.94 -4.60 -10.56
C6 0JO J . -13.60 -4.43 -10.59
C5 0JO J . -12.89 -3.78 -9.62
C5A 0JO J . -11.40 -3.59 -9.76
OP4 0JO J . -10.63 -4.26 -8.71
P 0JO J . -9.87 -5.66 -9.04
OP3 0JO J . -9.22 -5.99 -7.71
OP1 0JO J . -10.85 -6.71 -9.51
OP2 0JO J . -8.83 -5.32 -10.11
C1 PEG K . 10.06 -21.74 -0.70
O1 PEG K . 10.49 -22.79 0.13
C2 PEG K . 10.36 -20.40 -0.10
O2 PEG K . 10.15 -19.39 -1.07
C3 PEG K . 11.37 -18.83 -1.55
C4 PEG K . 11.16 -18.24 -2.90
O4 PEG K . 11.92 -18.90 -3.90
C1 PEG L . -10.04 6.99 -28.31
O1 PEG L . -9.02 6.04 -28.53
C2 PEG L . -10.70 6.79 -26.98
O2 PEG L . -12.02 7.34 -27.01
C3 PEG L . -12.92 6.58 -27.81
C4 PEG L . -14.22 7.30 -27.98
O4 PEG L . -14.62 7.94 -26.80
C1 PEG M . -19.51 -24.42 -12.99
O1 PEG M . -18.89 -25.50 -12.28
C2 PEG M . -20.78 -24.82 -13.69
O2 PEG M . -20.63 -26.10 -14.31
C3 PEG M . -20.66 -26.04 -15.74
C4 PEG M . -21.15 -27.34 -16.32
O4 PEG M . -20.20 -28.39 -16.21
C1 PEG N . -28.99 -12.27 -22.71
O1 PEG N . -27.97 -11.36 -22.32
C2 PEG N . -28.58 -13.69 -22.84
O2 PEG N . -29.43 -14.52 -22.02
C3 PEG N . -29.04 -15.90 -21.93
C4 PEG N . -27.53 -16.08 -21.82
O4 PEG N . -27.07 -17.41 -22.10
C1 EDO O . -16.16 -28.37 -8.92
O1 EDO O . -16.89 -29.26 -9.73
C2 EDO O . -16.95 -27.22 -8.40
O2 EDO O . -16.98 -27.15 -6.98
N1 BCN P . 9.76 17.40 -10.18
C1 BCN P . 8.91 17.02 -9.04
C2 BCN P . 8.81 15.51 -8.95
O21 BCN P . 8.20 15.00 -7.97
O22 BCN P . 9.37 14.88 -9.89
C3 BCN P . 9.01 18.26 -11.13
C4 BCN P . 8.92 17.80 -12.57
O4 BCN P . 9.22 16.42 -12.73
C5 BCN P . 11.03 17.98 -9.72
C6 BCN P . 12.25 17.68 -10.57
O6 BCN P . 12.38 16.31 -10.86
N1 BCN Q . -1.19 -14.74 -26.04
C1 BCN Q . 0.28 -14.63 -26.08
C2 BCN Q . 0.99 -15.57 -25.11
O21 BCN Q . 0.32 -16.13 -24.25
O22 BCN Q . 2.23 -15.68 -25.23
C3 BCN Q . -1.83 -13.41 -26.02
C4 BCN Q . -2.17 -12.86 -24.65
O4 BCN Q . -2.59 -13.87 -23.74
C5 BCN Q . -1.68 -15.54 -27.18
C6 BCN Q . -2.86 -16.44 -26.88
O6 BCN Q . -2.72 -17.07 -25.62
N1 BCN R . -11.85 11.55 -25.16
C1 BCN R . -11.98 11.35 -23.69
C2 BCN R . -12.51 9.96 -23.34
O21 BCN R . -12.91 9.73 -22.12
O22 BCN R . -12.51 9.13 -24.32
C3 BCN R . -13.04 12.24 -25.70
C4 BCN R . -13.22 12.07 -27.20
O4 BCN R . -13.06 10.72 -27.60
C5 BCN R . -10.58 12.17 -25.56
C6 BCN R . -9.35 11.31 -25.29
O6 BCN R . -9.45 10.08 -26.00
CL CL S . -8.21 2.30 15.55
CL CL T . 6.33 -7.45 15.68
CL CL U . -1.77 -4.38 17.80
CL CL V . -6.32 -16.58 -28.96
CS CS W . -22.58 -13.12 -33.43
CS CS W . -21.84 -15.46 -34.49
CS CS X . -5.06 0.52 -11.67
CS CS X . -4.19 -0.76 -12.82
#